data_4H8V
#
_entry.id   4H8V
#
_cell.length_a   64.27
_cell.length_b   73.92
_cell.length_c   82.96
_cell.angle_alpha   66.07
_cell.angle_beta   74.56
_cell.angle_gamma   72.55
#
_symmetry.space_group_name_H-M   'P 1'
#
loop_
_entity.id
_entity.type
_entity.pdbx_description
1 polymer 'Sucrose isomerase'
2 non-polymer 'CALCIUM ION'
3 non-polymer 1-O-alpha-D-glucopyranosyl-D-fructose
4 water water
#
_entity_poly.entity_id   1
_entity_poly.type   'polypeptide(L)'
_entity_poly.pdbx_seq_one_letter_code
;KPGAPWWKSAVFYQVYPRSFKDTNGDGIGDFKGLTEKLDYLKGLGIDAIWINPHYASPNTDNGYDISDYREVMKEYGTME
DFDRLMAELKKRGMRLMVDVVINHSSDQHEWFKSSRASKDNPYRDYYFWRDGKDGHEPNNYPSFFGGSAWEKDPVTGQYY
LHYFGRQQPDLNWDTPKLREELYAMLRFWLDKGVSGMRFDTVATYSKTPGFPDLTPEQMKNFAEAYTQGPNLHRYLQEMH
EKVFDHYDAVTAGEIFGAPLNQVPLFIDSRRKELDMAFTFDLIRYDRALDRWHTIPRTLADFRQTIDKVDAIAGEYGWNT
FFLGNHDNPRAVSHFGDDRPQWREASAKALATVTLTQRGTPFIFQGDELGMTNYPFKTLQDFDDIEVKGFFQDYVETGKA
TAEELLTNVALTSRDNARTPFQWDDSANAGFTTGKPWLKVNPNYTEINAAREIGDPKSVYSFYRNLISIRHETPALSTGS
YRDIDPSNADVYAYTRSQDGETYLVVVNFKAEPRSFTLPDGMHIAETLIESSSPAAPAAGAASLELQPWQSGIYKVK
;
_entity_poly.pdbx_strand_id   A,B
#
loop_
_chem_comp.id
_chem_comp.type
_chem_comp.name
_chem_comp.formula
CA non-polymer 'CALCIUM ION' 'Ca 2'
TEU D-saccharide 1-O-alpha-D-glucopyranosyl-D-fructose 'C12 H22 O11'
#
# COMPACT_ATOMS: atom_id res chain seq x y z
N LYS A 1 -43.21 -24.30 41.13
CA LYS A 1 -41.92 -23.88 41.68
C LYS A 1 -41.61 -22.45 41.26
N PRO A 2 -40.40 -22.23 40.75
CA PRO A 2 -40.10 -20.95 40.11
C PRO A 2 -41.02 -20.73 38.90
N GLY A 3 -41.28 -19.47 38.57
CA GLY A 3 -42.00 -19.15 37.35
C GLY A 3 -41.04 -19.17 36.17
N ALA A 4 -41.57 -19.13 34.95
CA ALA A 4 -40.68 -19.12 33.79
C ALA A 4 -40.35 -17.68 33.48
N PRO A 5 -39.11 -17.42 33.02
CA PRO A 5 -38.75 -16.07 32.61
C PRO A 5 -39.73 -15.57 31.55
N TRP A 6 -39.95 -14.25 31.50
CA TRP A 6 -40.91 -13.65 30.59
C TRP A 6 -40.66 -14.04 29.14
N TRP A 7 -39.40 -14.23 28.79
CA TRP A 7 -39.07 -14.49 27.39
C TRP A 7 -39.42 -15.90 26.95
N LYS A 8 -39.48 -16.83 27.89
CA LYS A 8 -39.87 -18.19 27.52
C LYS A 8 -41.36 -18.29 27.18
N SER A 9 -42.16 -17.36 27.69
CA SER A 9 -43.61 -17.43 27.44
C SER A 9 -44.08 -16.36 26.46
N ALA A 10 -43.16 -15.49 26.03
CA ALA A 10 -43.51 -14.36 25.16
C ALA A 10 -43.68 -14.74 23.68
N VAL A 11 -44.38 -13.88 22.95
CA VAL A 11 -44.48 -13.98 21.50
C VAL A 11 -43.80 -12.75 20.91
N PHE A 12 -42.75 -12.98 20.12
CA PHE A 12 -42.03 -11.89 19.47
C PHE A 12 -42.49 -11.68 18.02
N TYR A 13 -42.33 -10.45 17.55
CA TYR A 13 -42.55 -10.08 16.17
C TYR A 13 -41.26 -9.44 15.70
N GLN A 14 -40.78 -9.83 14.52
CA GLN A 14 -39.59 -9.19 13.98
C GLN A 14 -39.97 -8.10 12.97
N VAL A 15 -39.50 -6.90 13.25
CA VAL A 15 -39.67 -5.77 12.34
C VAL A 15 -38.36 -5.48 11.62
N TYR A 16 -38.46 -5.40 10.30
CA TYR A 16 -37.37 -5.00 9.45
C TYR A 16 -37.70 -3.56 9.05
N PRO A 17 -37.21 -2.58 9.83
CA PRO A 17 -37.75 -1.20 9.78
C PRO A 17 -37.66 -0.52 8.42
N ARG A 18 -36.69 -0.93 7.61
CA ARG A 18 -36.51 -0.40 6.28
C ARG A 18 -37.77 -0.64 5.44
N SER A 19 -38.48 -1.72 5.74
CA SER A 19 -39.61 -2.15 4.90
C SER A 19 -40.93 -2.28 5.64
N PHE A 20 -41.06 -1.58 6.77
CA PHE A 20 -42.28 -1.65 7.59
C PHE A 20 -43.22 -0.46 7.33
N LYS A 21 -42.83 0.74 7.75
CA LYS A 21 -43.64 1.93 7.45
C LYS A 21 -42.79 3.18 7.21
N ASP A 22 -43.01 3.82 6.06
CA ASP A 22 -42.33 5.07 5.72
C ASP A 22 -43.27 6.22 6.05
N THR A 23 -42.74 7.27 6.70
CA THR A 23 -43.58 8.41 7.04
C THR A 23 -43.07 9.72 6.47
N ASN A 24 -42.08 9.67 5.59
CA ASN A 24 -41.62 10.89 4.94
C ASN A 24 -41.44 10.74 3.42
N GLY A 25 -42.04 9.69 2.86
CA GLY A 25 -42.08 9.51 1.41
C GLY A 25 -40.77 9.24 0.68
N ASP A 26 -39.69 8.97 1.42
CA ASP A 26 -38.41 8.73 0.77
C ASP A 26 -38.31 7.28 0.32
N GLY A 27 -39.32 6.49 0.64
CA GLY A 27 -39.38 5.11 0.18
C GLY A 27 -38.78 4.10 1.13
N ILE A 28 -38.23 4.58 2.25
CA ILE A 28 -37.60 3.74 3.26
C ILE A 28 -38.37 3.89 4.58
N GLY A 29 -38.67 2.77 5.23
CA GLY A 29 -39.40 2.84 6.48
C GLY A 29 -38.56 3.45 7.58
N ASP A 30 -39.20 4.00 8.60
CA ASP A 30 -38.49 4.70 9.65
C ASP A 30 -39.10 4.44 11.02
N PHE A 31 -38.46 5.01 12.04
CA PHE A 31 -38.94 4.89 13.41
C PHE A 31 -40.34 5.44 13.63
N LYS A 32 -40.60 6.64 13.14
CA LYS A 32 -41.93 7.24 13.29
C LYS A 32 -42.99 6.33 12.69
N GLY A 33 -42.65 5.64 11.60
CA GLY A 33 -43.53 4.67 11.00
C GLY A 33 -43.82 3.52 11.92
N LEU A 34 -42.78 2.98 12.55
CA LEU A 34 -42.96 1.86 13.47
C LEU A 34 -43.74 2.31 14.70
N THR A 35 -43.41 3.48 15.23
CA THR A 35 -44.09 3.96 16.43
C THR A 35 -45.60 4.17 16.17
N GLU A 36 -45.93 4.62 14.96
CA GLU A 36 -47.32 4.82 14.57
C GLU A 36 -48.10 3.52 14.56
N LYS A 37 -47.40 2.40 14.46
CA LYS A 37 -48.05 1.12 14.31
C LYS A 37 -48.01 0.19 15.54
N LEU A 38 -47.62 0.72 16.69
CA LEU A 38 -47.55 -0.11 17.89
C LEU A 38 -48.93 -0.59 18.32
N ASP A 39 -49.95 0.23 18.09
CA ASP A 39 -51.32 -0.15 18.40
C ASP A 39 -51.72 -1.39 17.61
N TYR A 40 -51.23 -1.46 16.37
CA TYR A 40 -51.49 -2.60 15.51
C TYR A 40 -50.82 -3.86 16.08
N LEU A 41 -49.55 -3.72 16.45
CA LEU A 41 -48.81 -4.86 16.99
C LEU A 41 -49.34 -5.28 18.35
N LYS A 42 -49.59 -4.32 19.23
CA LYS A 42 -50.30 -4.60 20.48
C LYS A 42 -51.60 -5.39 20.26
N GLY A 43 -52.44 -4.91 19.34
CA GLY A 43 -53.68 -5.60 19.03
C GLY A 43 -53.56 -7.05 18.59
N LEU A 44 -52.49 -7.36 17.85
CA LEU A 44 -52.20 -8.72 17.43
C LEU A 44 -51.91 -9.63 18.62
N GLY A 45 -51.36 -9.05 19.69
CA GLY A 45 -51.02 -9.82 20.87
C GLY A 45 -49.52 -9.91 21.11
N ILE A 46 -48.76 -9.07 20.42
CA ILE A 46 -47.30 -9.16 20.42
C ILE A 46 -46.74 -8.64 21.75
N ASP A 47 -45.86 -9.42 22.37
CA ASP A 47 -45.22 -9.04 23.63
C ASP A 47 -43.93 -8.26 23.45
N ALA A 48 -43.17 -8.60 22.40
CA ALA A 48 -41.84 -8.02 22.21
C ALA A 48 -41.53 -7.92 20.72
N ILE A 49 -40.76 -6.91 20.37
CA ILE A 49 -40.35 -6.68 18.99
C ILE A 49 -38.83 -6.77 18.88
N TRP A 50 -38.35 -7.54 17.90
CA TRP A 50 -36.94 -7.49 17.51
C TRP A 50 -36.85 -6.67 16.25
N ILE A 51 -36.06 -5.60 16.31
CA ILE A 51 -35.78 -4.80 15.12
C ILE A 51 -34.41 -5.11 14.52
N ASN A 52 -34.36 -5.17 13.20
CA ASN A 52 -33.08 -5.29 12.52
C ASN A 52 -32.25 -4.02 12.77
N PRO A 53 -30.95 -4.02 12.39
CA PRO A 53 -30.06 -2.92 12.79
C PRO A 53 -30.55 -1.51 12.48
N HIS A 54 -30.38 -0.62 13.45
CA HIS A 54 -30.90 0.74 13.42
C HIS A 54 -29.79 1.75 13.68
N TYR A 55 -28.55 1.35 13.46
CA TYR A 55 -27.39 2.21 13.72
C TYR A 55 -26.91 2.85 12.43
N ALA A 56 -26.19 3.97 12.57
CA ALA A 56 -25.56 4.65 11.43
C ALA A 56 -24.84 3.68 10.50
N SER A 57 -25.12 3.78 9.20
CA SER A 57 -24.71 2.74 8.26
C SER A 57 -24.71 3.31 6.84
N PRO A 58 -23.69 2.93 6.04
CA PRO A 58 -23.65 3.22 4.60
C PRO A 58 -24.69 2.40 3.87
N ASN A 59 -25.28 1.43 4.56
CA ASN A 59 -26.35 0.60 4.01
C ASN A 59 -25.96 -0.25 2.78
N THR A 60 -24.72 -0.75 2.78
CA THR A 60 -24.29 -1.66 1.71
C THR A 60 -24.91 -3.02 1.95
N ASP A 61 -25.39 -3.21 3.17
CA ASP A 61 -26.01 -4.45 3.59
C ASP A 61 -27.16 -4.10 4.54
N ASN A 62 -27.83 -3.00 4.25
CA ASN A 62 -29.04 -2.60 4.98
C ASN A 62 -28.95 -2.70 6.52
N GLY A 63 -27.95 -2.03 7.09
CA GLY A 63 -27.85 -1.92 8.54
C GLY A 63 -26.78 -2.79 9.15
N TYR A 64 -26.40 -3.85 8.46
CA TYR A 64 -25.41 -4.76 9.02
C TYR A 64 -23.96 -4.35 8.72
N ASP A 65 -23.79 -3.15 8.16
CA ASP A 65 -22.46 -2.54 8.05
C ASP A 65 -22.49 -1.24 8.83
N ILE A 66 -22.03 -1.29 10.06
CA ILE A 66 -22.25 -0.20 11.00
C ILE A 66 -21.07 0.73 11.10
N SER A 67 -21.32 2.01 10.91
CA SER A 67 -20.24 2.98 10.86
C SER A 67 -20.12 3.75 12.18
N ASP A 68 -21.16 3.68 13.02
CA ASP A 68 -21.10 4.24 14.37
C ASP A 68 -22.15 3.57 15.24
N TYR A 69 -21.70 2.86 16.28
CA TYR A 69 -22.60 2.04 17.08
C TYR A 69 -23.46 2.82 18.08
N ARG A 70 -23.21 4.12 18.21
CA ARG A 70 -23.95 4.93 19.16
C ARG A 70 -24.81 6.03 18.53
N GLU A 71 -24.91 6.04 17.21
CA GLU A 71 -25.84 6.93 16.53
C GLU A 71 -26.89 6.11 15.78
N VAL A 72 -28.06 6.71 15.60
CA VAL A 72 -29.16 6.08 14.88
C VAL A 72 -29.00 6.28 13.38
N MET A 73 -29.27 5.23 12.60
CA MET A 73 -29.26 5.34 11.14
C MET A 73 -30.09 6.52 10.68
N LYS A 74 -29.50 7.39 9.87
CA LYS A 74 -30.16 8.62 9.44
C LYS A 74 -31.49 8.37 8.74
N GLU A 75 -31.59 7.26 8.02
CA GLU A 75 -32.85 6.92 7.36
C GLU A 75 -33.97 6.63 8.34
N TYR A 76 -33.65 6.03 9.48
CA TYR A 76 -34.69 5.61 10.42
C TYR A 76 -35.17 6.74 11.32
N GLY A 77 -34.33 7.76 11.50
CA GLY A 77 -34.70 8.96 12.21
C GLY A 77 -33.59 9.49 13.11
N THR A 78 -33.96 10.02 14.27
CA THR A 78 -32.98 10.53 15.23
C THR A 78 -33.00 9.77 16.55
N MET A 79 -32.02 10.02 17.41
CA MET A 79 -31.94 9.37 18.72
C MET A 79 -33.19 9.68 19.53
N GLU A 80 -33.68 10.89 19.39
CA GLU A 80 -34.95 11.27 20.00
C GLU A 80 -36.09 10.39 19.49
N ASP A 81 -36.08 10.05 18.20
CA ASP A 81 -37.12 9.17 17.67
C ASP A 81 -37.00 7.77 18.24
N PHE A 82 -35.76 7.31 18.39
CA PHE A 82 -35.52 6.02 19.01
C PHE A 82 -36.05 5.98 20.44
N ASP A 83 -35.76 7.01 21.23
CA ASP A 83 -36.22 7.09 22.63
C ASP A 83 -37.74 7.11 22.68
N ARG A 84 -38.33 7.77 21.70
CA ARG A 84 -39.78 7.87 21.64
C ARG A 84 -40.38 6.50 21.38
N LEU A 85 -39.75 5.72 20.49
CA LEU A 85 -40.19 4.35 20.23
C LEU A 85 -40.16 3.55 21.52
N MET A 86 -39.03 3.64 22.23
CA MET A 86 -38.85 3.00 23.53
C MET A 86 -39.93 3.36 24.52
N ALA A 87 -40.24 4.65 24.63
CA ALA A 87 -41.26 5.13 25.56
C ALA A 87 -42.64 4.61 25.20
N GLU A 88 -42.94 4.63 23.91
CA GLU A 88 -44.28 4.26 23.45
C GLU A 88 -44.49 2.77 23.59
N LEU A 89 -43.43 2.00 23.46
CA LEU A 89 -43.52 0.56 23.67
C LEU A 89 -43.80 0.29 25.15
N LYS A 90 -43.11 1.02 26.02
CA LYS A 90 -43.27 0.79 27.46
C LYS A 90 -44.71 1.12 27.90
N LYS A 91 -45.25 2.23 27.44
CA LYS A 91 -46.65 2.57 27.69
C LYS A 91 -47.60 1.39 27.39
N ARG A 92 -47.25 0.59 26.38
CA ARG A 92 -48.09 -0.55 26.03
C ARG A 92 -47.63 -1.82 26.70
N GLY A 93 -46.66 -1.68 27.59
CA GLY A 93 -46.11 -2.82 28.29
C GLY A 93 -45.38 -3.75 27.34
N MET A 94 -44.78 -3.20 26.30
CA MET A 94 -44.06 -4.04 25.35
C MET A 94 -42.55 -3.92 25.55
N ARG A 95 -41.78 -4.86 24.99
CA ARG A 95 -40.32 -4.83 25.14
C ARG A 95 -39.58 -4.81 23.81
N LEU A 96 -38.42 -4.14 23.79
CA LEU A 96 -37.64 -4.04 22.56
C LEU A 96 -36.39 -4.90 22.59
N MET A 97 -36.20 -5.71 21.54
CA MET A 97 -34.92 -6.38 21.32
C MET A 97 -34.21 -5.77 20.12
N VAL A 98 -32.97 -5.32 20.32
CA VAL A 98 -32.20 -4.72 19.25
C VAL A 98 -31.23 -5.73 18.63
N ASP A 99 -30.70 -5.40 17.45
CA ASP A 99 -29.81 -6.32 16.75
C ASP A 99 -28.38 -5.90 17.10
N VAL A 100 -27.53 -6.87 17.41
CA VAL A 100 -26.15 -6.52 17.75
C VAL A 100 -25.22 -7.17 16.73
N VAL A 101 -24.49 -6.33 16.01
CA VAL A 101 -23.69 -6.76 14.86
C VAL A 101 -22.22 -6.46 15.13
N ILE A 102 -21.53 -7.39 15.76
CA ILE A 102 -20.16 -7.14 16.22
C ILE A 102 -19.17 -8.24 15.81
N ASN A 103 -19.52 -8.94 14.73
CA ASN A 103 -18.57 -9.82 14.07
C ASN A 103 -17.75 -8.98 13.12
N HIS A 104 -18.34 -7.85 12.70
CA HIS A 104 -17.71 -7.00 11.72
C HIS A 104 -18.30 -5.61 11.85
N SER A 105 -17.58 -4.60 11.39
CA SER A 105 -18.11 -3.22 11.33
C SER A 105 -18.16 -2.76 9.87
N SER A 106 -18.63 -1.53 9.64
CA SER A 106 -18.48 -0.92 8.33
C SER A 106 -17.02 -0.56 8.10
N ASP A 107 -16.64 -0.37 6.84
CA ASP A 107 -15.29 0.09 6.55
C ASP A 107 -15.20 1.60 6.68
N GLN A 108 -16.34 2.22 6.97
CA GLN A 108 -16.40 3.65 7.22
C GLN A 108 -16.44 3.96 8.72
N HIS A 109 -16.29 2.93 9.54
CA HIS A 109 -16.19 3.17 10.98
C HIS A 109 -14.84 3.83 11.29
N GLU A 110 -14.84 4.78 12.20
CA GLU A 110 -13.59 5.45 12.57
C GLU A 110 -12.49 4.47 12.97
N TRP A 111 -12.84 3.39 13.64
CA TRP A 111 -11.86 2.36 13.98
C TRP A 111 -11.09 1.87 12.74
N PHE A 112 -11.81 1.56 11.67
CA PHE A 112 -11.18 0.93 10.51
C PHE A 112 -10.40 1.93 9.68
N LYS A 113 -10.90 3.16 9.62
CA LYS A 113 -10.17 4.23 8.95
C LYS A 113 -8.82 4.43 9.63
N SER A 114 -8.82 4.38 10.96
CA SER A 114 -7.57 4.44 11.72
C SER A 114 -6.74 3.20 11.43
N SER A 115 -7.38 2.05 11.60
CA SER A 115 -6.71 0.75 11.47
C SER A 115 -5.86 0.61 10.20
N ARG A 116 -6.38 1.13 9.09
CA ARG A 116 -5.80 0.85 7.79
C ARG A 116 -4.73 1.87 7.42
N ALA A 117 -4.53 2.87 8.28
CA ALA A 117 -3.63 3.97 7.96
C ALA A 117 -2.18 3.54 7.92
N SER A 118 -1.80 2.64 8.83
CA SER A 118 -0.42 2.18 8.95
C SER A 118 -0.37 0.91 9.78
N LYS A 119 0.70 0.13 9.64
CA LYS A 119 0.82 -1.08 10.43
C LYS A 119 0.99 -0.76 11.92
N ASP A 120 1.36 0.49 12.23
CA ASP A 120 1.65 0.90 13.60
C ASP A 120 0.56 1.78 14.23
N ASN A 121 -0.60 1.85 13.60
CA ASN A 121 -1.70 2.63 14.14
C ASN A 121 -2.19 1.92 15.39
N PRO A 122 -2.64 2.68 16.42
CA PRO A 122 -3.16 2.05 17.64
C PRO A 122 -4.37 1.13 17.39
N TYR A 123 -5.01 1.28 16.23
CA TYR A 123 -6.21 0.48 15.93
C TYR A 123 -5.96 -0.64 14.93
N ARG A 124 -4.70 -0.97 14.68
CA ARG A 124 -4.36 -1.92 13.63
C ARG A 124 -4.89 -3.30 13.94
N ASP A 125 -4.86 -3.69 15.21
CA ASP A 125 -5.32 -5.03 15.54
CA ASP A 125 -5.31 -5.01 15.61
C ASP A 125 -6.78 -5.06 16.05
N TYR A 126 -7.53 -4.02 15.68
CA TYR A 126 -8.98 -4.03 15.88
C TYR A 126 -9.60 -4.88 14.78
N TYR A 127 -8.80 -5.18 13.76
CA TYR A 127 -9.25 -5.94 12.59
C TYR A 127 -8.19 -6.98 12.28
N PHE A 128 -8.36 -7.73 11.19
CA PHE A 128 -7.37 -8.75 10.82
C PHE A 128 -6.61 -8.35 9.55
N TRP A 129 -5.32 -8.11 9.69
CA TRP A 129 -4.47 -7.73 8.56
C TRP A 129 -3.40 -8.78 8.36
N ARG A 130 -3.25 -9.27 7.13
CA ARG A 130 -2.21 -10.26 6.87
C ARG A 130 -1.54 -10.06 5.53
N ASP A 131 -0.35 -10.65 5.41
CA ASP A 131 0.39 -10.68 4.17
C ASP A 131 -0.22 -11.71 3.23
N GLY A 132 -0.29 -11.37 1.95
CA GLY A 132 -0.66 -12.34 0.93
C GLY A 132 0.36 -13.45 0.86
N LYS A 133 0.01 -14.54 0.16
CA LYS A 133 0.90 -15.67 0.01
C LYS A 133 0.93 -16.09 -1.46
N ASP A 134 2.14 -16.37 -1.97
CA ASP A 134 2.34 -16.77 -3.38
C ASP A 134 1.73 -15.74 -4.34
N GLY A 135 1.98 -14.47 -4.08
CA GLY A 135 1.38 -13.40 -4.86
C GLY A 135 -0.14 -13.34 -4.81
N HIS A 136 -0.74 -14.09 -3.88
CA HIS A 136 -2.20 -14.20 -3.77
C HIS A 136 -2.75 -13.63 -2.46
N GLU A 137 -3.95 -14.06 -2.11
CA GLU A 137 -4.56 -13.75 -0.82
C GLU A 137 -3.84 -14.56 0.26
N PRO A 138 -4.00 -14.17 1.55
CA PRO A 138 -3.36 -14.92 2.64
C PRO A 138 -3.76 -16.40 2.66
N ASN A 139 -5.01 -16.69 2.28
CA ASN A 139 -5.44 -18.06 2.18
C ASN A 139 -6.64 -18.18 1.25
N ASN A 140 -7.27 -19.35 1.23
CA ASN A 140 -8.36 -19.62 0.29
C ASN A 140 -9.77 -19.29 0.80
N TYR A 141 -9.87 -18.50 1.87
CA TYR A 141 -11.18 -18.16 2.47
C TYR A 141 -12.12 -17.46 1.50
N PRO A 142 -13.29 -18.07 1.27
CA PRO A 142 -14.33 -17.41 0.48
C PRO A 142 -15.23 -16.47 1.30
N SER A 143 -15.81 -15.48 0.62
CA SER A 143 -16.74 -14.55 1.23
C SER A 143 -18.19 -14.96 0.96
N PHE A 144 -19.06 -14.78 1.94
CA PHE A 144 -20.48 -15.03 1.78
C PHE A 144 -21.07 -14.23 0.62
N PHE A 145 -20.56 -13.03 0.39
CA PHE A 145 -21.11 -12.15 -0.63
C PHE A 145 -20.23 -12.05 -1.87
N GLY A 146 -19.46 -13.09 -2.13
CA GLY A 146 -18.73 -13.19 -3.38
C GLY A 146 -17.24 -12.96 -3.27
N GLY A 147 -16.47 -13.78 -3.99
CA GLY A 147 -15.04 -13.59 -4.12
C GLY A 147 -14.29 -14.01 -2.88
N SER A 148 -13.04 -13.57 -2.78
CA SER A 148 -12.22 -13.89 -1.63
C SER A 148 -12.69 -13.14 -0.38
N ALA A 149 -12.40 -13.72 0.77
CA ALA A 149 -12.68 -13.07 2.04
C ALA A 149 -11.49 -12.18 2.48
N TRP A 150 -10.59 -11.90 1.54
CA TRP A 150 -9.45 -11.03 1.83
C TRP A 150 -9.36 -9.91 0.81
N GLU A 151 -9.36 -8.67 1.28
CA GLU A 151 -9.23 -7.51 0.41
C GLU A 151 -7.90 -6.81 0.67
N LYS A 152 -7.09 -6.65 -0.38
CA LYS A 152 -5.79 -6.00 -0.27
C LYS A 152 -5.95 -4.50 -0.16
N ASP A 153 -5.18 -3.89 0.74
CA ASP A 153 -5.21 -2.45 0.89
C ASP A 153 -3.89 -1.81 0.48
N PRO A 154 -3.89 -1.10 -0.66
CA PRO A 154 -2.71 -0.40 -1.18
C PRO A 154 -2.05 0.53 -0.16
N VAL A 155 -2.80 1.01 0.82
CA VAL A 155 -2.24 1.91 1.84
C VAL A 155 -1.10 1.26 2.62
N THR A 156 -1.16 -0.06 2.80
CA THR A 156 -0.15 -0.78 3.56
C THR A 156 0.40 -1.98 2.83
N GLY A 157 -0.31 -2.44 1.80
CA GLY A 157 0.08 -3.62 1.06
C GLY A 157 -0.45 -4.92 1.64
N GLN A 158 -1.18 -4.84 2.75
CA GLN A 158 -1.70 -6.05 3.40
C GLN A 158 -3.19 -6.27 3.10
N TYR A 159 -3.66 -7.48 3.36
CA TYR A 159 -5.07 -7.83 3.15
C TYR A 159 -5.82 -7.81 4.48
N TYR A 160 -7.07 -7.36 4.45
CA TYR A 160 -7.95 -7.49 5.62
C TYR A 160 -9.05 -8.54 5.39
N LEU A 161 -9.48 -9.18 6.47
CA LEU A 161 -10.46 -10.26 6.40
C LEU A 161 -11.88 -9.70 6.35
N HIS A 162 -12.73 -10.30 5.53
CA HIS A 162 -14.15 -9.96 5.54
C HIS A 162 -14.98 -11.16 5.13
N TYR A 163 -15.55 -11.84 6.12
CA TYR A 163 -16.42 -12.99 5.87
C TYR A 163 -17.59 -12.59 4.98
N PHE A 164 -18.05 -11.34 5.13
CA PHE A 164 -19.19 -10.85 4.37
C PHE A 164 -18.75 -9.83 3.33
N GLY A 165 -19.43 -8.70 3.27
CA GLY A 165 -19.10 -7.67 2.31
C GLY A 165 -17.66 -7.19 2.43
N ARG A 166 -17.11 -6.71 1.33
CA ARG A 166 -15.79 -6.12 1.35
C ARG A 166 -15.84 -4.91 2.26
N GLN A 167 -17.03 -4.32 2.38
CA GLN A 167 -17.18 -3.13 3.21
C GLN A 167 -17.66 -3.52 4.61
N GLN A 168 -17.44 -4.79 4.94
CA GLN A 168 -17.70 -5.28 6.29
C GLN A 168 -16.49 -6.04 6.83
N PRO A 169 -15.40 -5.31 7.14
CA PRO A 169 -14.22 -5.92 7.78
C PRO A 169 -14.56 -6.59 9.11
N ASP A 170 -14.07 -7.81 9.33
CA ASP A 170 -14.32 -8.54 10.58
C ASP A 170 -13.57 -7.92 11.74
N LEU A 171 -14.21 -7.90 12.91
CA LEU A 171 -13.60 -7.32 14.11
C LEU A 171 -12.71 -8.34 14.79
N ASN A 172 -11.62 -7.89 15.39
CA ASN A 172 -10.63 -8.81 15.93
C ASN A 172 -10.84 -9.08 17.41
N TRP A 173 -11.66 -10.09 17.72
CA TRP A 173 -11.99 -10.41 19.11
C TRP A 173 -10.78 -10.87 19.92
N ASP A 174 -9.70 -11.21 19.24
CA ASP A 174 -8.48 -11.66 19.93
C ASP A 174 -7.80 -10.51 20.69
N THR A 175 -8.14 -9.28 20.34
CA THR A 175 -7.59 -8.10 20.99
C THR A 175 -8.45 -7.64 22.16
N PRO A 176 -7.93 -7.72 23.40
CA PRO A 176 -8.76 -7.35 24.56
C PRO A 176 -9.30 -5.92 24.54
N LYS A 177 -8.55 -4.95 24.01
CA LYS A 177 -9.02 -3.57 23.96
C LYS A 177 -10.26 -3.44 23.04
N LEU A 178 -10.32 -4.27 22.01
CA LEU A 178 -11.48 -4.25 21.13
C LEU A 178 -12.68 -4.81 21.88
N ARG A 179 -12.50 -5.95 22.54
CA ARG A 179 -13.58 -6.57 23.32
C ARG A 179 -14.15 -5.60 24.35
N GLU A 180 -13.27 -4.88 25.05
CA GLU A 180 -13.70 -3.91 26.06
C GLU A 180 -14.50 -2.77 25.43
N GLU A 181 -14.13 -2.36 24.22
CA GLU A 181 -14.87 -1.32 23.52
C GLU A 181 -16.26 -1.83 23.14
N LEU A 182 -16.32 -3.07 22.68
CA LEU A 182 -17.61 -3.68 22.36
C LEU A 182 -18.50 -3.80 23.61
N TYR A 183 -17.89 -4.14 24.74
CA TYR A 183 -18.65 -4.30 26.00
C TYR A 183 -19.23 -2.97 26.44
N ALA A 184 -18.46 -1.89 26.28
CA ALA A 184 -18.95 -0.55 26.60
C ALA A 184 -20.09 -0.11 25.67
N MET A 185 -19.98 -0.44 24.40
CA MET A 185 -21.03 -0.10 23.44
C MET A 185 -22.34 -0.80 23.82
N LEU A 186 -22.24 -2.04 24.26
CA LEU A 186 -23.41 -2.77 24.67
C LEU A 186 -24.10 -2.10 25.88
N ARG A 187 -23.33 -1.66 26.87
CA ARG A 187 -23.89 -1.00 28.04
C ARG A 187 -24.63 0.25 27.65
N PHE A 188 -24.05 1.01 26.72
CA PHE A 188 -24.66 2.23 26.19
C PHE A 188 -26.11 2.00 25.81
N TRP A 189 -26.39 0.93 25.09
CA TRP A 189 -27.77 0.63 24.70
C TRP A 189 -28.57 0.04 25.88
N LEU A 190 -27.94 -0.88 26.61
CA LEU A 190 -28.57 -1.51 27.77
C LEU A 190 -28.99 -0.49 28.83
N ASP A 191 -28.14 0.52 29.05
CA ASP A 191 -28.44 1.59 30.00
C ASP A 191 -29.66 2.40 29.57
N LYS A 192 -30.03 2.30 28.29
CA LYS A 192 -31.16 3.06 27.76
C LYS A 192 -32.48 2.34 27.99
N GLY A 193 -32.40 1.10 28.46
CA GLY A 193 -33.59 0.32 28.78
C GLY A 193 -33.83 -0.93 27.93
N VAL A 194 -33.01 -1.15 26.90
CA VAL A 194 -33.18 -2.28 25.98
C VAL A 194 -33.42 -3.60 26.70
N SER A 195 -34.46 -4.35 26.29
CA SER A 195 -34.86 -5.57 27.01
C SER A 195 -34.21 -6.82 26.46
N GLY A 196 -33.65 -6.74 25.27
CA GLY A 196 -33.14 -7.93 24.63
C GLY A 196 -32.17 -7.59 23.51
N MET A 197 -31.31 -8.54 23.19
CA MET A 197 -30.31 -8.38 22.14
C MET A 197 -30.16 -9.68 21.37
N ARG A 198 -30.29 -9.58 20.06
CA ARG A 198 -30.06 -10.71 19.19
C ARG A 198 -28.67 -10.54 18.62
N PHE A 199 -27.86 -11.58 18.69
CA PHE A 199 -26.48 -11.47 18.21
C PHE A 199 -26.30 -12.03 16.80
N ASP A 200 -26.12 -11.12 15.86
CA ASP A 200 -25.77 -11.41 14.47
C ASP A 200 -24.56 -12.36 14.32
N THR A 201 -24.74 -13.44 13.55
CA THR A 201 -23.70 -14.48 13.33
C THR A 201 -22.75 -14.63 14.54
N VAL A 202 -23.33 -15.03 15.67
CA VAL A 202 -22.65 -15.00 16.95
C VAL A 202 -21.52 -16.00 16.97
N ALA A 203 -21.66 -17.07 16.19
CA ALA A 203 -20.69 -18.17 16.25
C ALA A 203 -19.41 -17.97 15.44
N THR A 204 -19.27 -16.85 14.75
CA THR A 204 -18.09 -16.64 13.91
C THR A 204 -17.09 -15.65 14.50
N TYR A 205 -17.26 -15.32 15.79
CA TYR A 205 -16.41 -14.33 16.44
C TYR A 205 -14.96 -14.76 16.52
N SER A 206 -14.72 -16.00 16.92
CA SER A 206 -13.35 -16.45 17.10
C SER A 206 -12.77 -16.97 15.79
N LYS A 207 -11.58 -16.48 15.45
CA LYS A 207 -10.89 -16.92 14.23
C LYS A 207 -9.89 -18.03 14.50
N THR A 208 -9.64 -18.83 13.46
CA THR A 208 -8.67 -19.91 13.55
C THR A 208 -7.27 -19.31 13.50
N PRO A 209 -6.46 -19.59 14.53
CA PRO A 209 -5.08 -19.10 14.62
C PRO A 209 -4.25 -19.59 13.43
N GLY A 210 -3.57 -18.66 12.78
CA GLY A 210 -2.70 -19.03 11.67
C GLY A 210 -3.40 -18.97 10.33
N PHE A 211 -4.74 -18.92 10.35
CA PHE A 211 -5.52 -18.91 9.12
C PHE A 211 -5.01 -19.91 8.09
N PRO A 212 -4.98 -21.21 8.44
CA PRO A 212 -4.56 -22.13 7.38
C PRO A 212 -5.69 -22.27 6.36
N ASP A 213 -5.33 -22.69 5.14
CA ASP A 213 -6.30 -22.91 4.08
C ASP A 213 -7.38 -23.91 4.49
N LEU A 214 -8.59 -23.68 4.00
CA LEU A 214 -9.66 -24.64 4.22
C LEU A 214 -9.37 -25.87 3.39
N THR A 215 -9.73 -27.03 3.89
CA THR A 215 -9.67 -28.26 3.12
C THR A 215 -10.72 -28.21 2.01
N PRO A 216 -10.56 -29.03 0.96
CA PRO A 216 -11.61 -29.03 -0.07
C PRO A 216 -12.98 -29.37 0.50
N GLU A 217 -13.03 -30.30 1.46
CA GLU A 217 -14.27 -30.64 2.17
C GLU A 217 -14.83 -29.40 2.86
N GLN A 218 -13.98 -28.70 3.61
CA GLN A 218 -14.39 -27.48 4.31
C GLN A 218 -14.88 -26.42 3.33
N MET A 219 -14.24 -26.31 2.17
CA MET A 219 -14.63 -25.30 1.19
C MET A 219 -16.06 -25.54 0.71
N LYS A 220 -16.52 -26.78 0.80
CA LYS A 220 -17.86 -27.10 0.35
C LYS A 220 -18.86 -26.50 1.32
N ASN A 221 -18.49 -26.47 2.59
CA ASN A 221 -19.36 -25.92 3.63
C ASN A 221 -18.57 -24.96 4.49
N PHE A 222 -18.18 -23.82 3.94
CA PHE A 222 -17.25 -22.94 4.63
C PHE A 222 -17.89 -22.30 5.84
N ALA A 223 -19.20 -22.11 5.77
CA ALA A 223 -19.95 -21.44 6.82
C ALA A 223 -19.78 -22.16 8.15
N GLU A 224 -19.74 -23.49 8.09
CA GLU A 224 -19.56 -24.28 9.28
C GLU A 224 -18.15 -24.13 9.83
N ALA A 225 -17.19 -24.00 8.92
CA ALA A 225 -15.78 -23.92 9.32
C ALA A 225 -15.51 -22.62 10.09
N TYR A 226 -16.15 -21.54 9.66
CA TYR A 226 -15.99 -20.25 10.31
C TYR A 226 -16.61 -20.19 11.71
N THR A 227 -17.36 -21.23 12.10
CA THR A 227 -17.95 -21.29 13.43
C THR A 227 -17.07 -22.10 14.38
N GLN A 228 -15.90 -22.50 13.91
CA GLN A 228 -15.06 -23.37 14.74
C GLN A 228 -13.84 -22.69 15.38
N GLY A 229 -13.93 -21.40 15.63
CA GLY A 229 -12.86 -20.70 16.33
C GLY A 229 -12.61 -21.23 17.73
N PRO A 230 -11.34 -21.48 18.07
CA PRO A 230 -11.02 -22.17 19.34
C PRO A 230 -11.34 -21.38 20.60
N ASN A 231 -11.42 -20.06 20.52
CA ASN A 231 -11.76 -19.23 21.67
C ASN A 231 -13.21 -18.70 21.71
N LEU A 232 -14.10 -19.26 20.89
CA LEU A 232 -15.46 -18.73 20.79
C LEU A 232 -16.20 -18.59 22.12
N HIS A 233 -16.26 -19.68 22.89
CA HIS A 233 -17.05 -19.72 24.09
C HIS A 233 -16.39 -19.01 25.24
N ARG A 234 -15.07 -18.98 25.21
CA ARG A 234 -14.32 -18.19 26.16
C ARG A 234 -14.72 -16.71 26.03
N TYR A 235 -14.92 -16.26 24.79
CA TYR A 235 -15.32 -14.87 24.50
C TYR A 235 -16.78 -14.57 24.89
N LEU A 236 -17.67 -15.52 24.58
CA LEU A 236 -19.08 -15.38 24.97
C LEU A 236 -19.28 -15.41 26.49
N GLN A 237 -18.50 -16.23 27.19
CA GLN A 237 -18.58 -16.27 28.66
C GLN A 237 -18.08 -14.97 29.26
N GLU A 238 -17.04 -14.40 28.65
CA GLU A 238 -16.47 -13.14 29.13
C GLU A 238 -17.46 -11.99 28.94
N MET A 239 -18.13 -11.98 27.80
CA MET A 239 -19.16 -10.98 27.50
C MET A 239 -20.32 -11.06 28.48
N HIS A 240 -20.72 -12.27 28.84
CA HIS A 240 -21.83 -12.46 29.77
C HIS A 240 -21.41 -11.94 31.14
N GLU A 241 -20.20 -12.30 31.53
CA GLU A 241 -19.70 -11.94 32.84
C GLU A 241 -19.46 -10.44 32.98
N LYS A 242 -19.01 -9.78 31.92
CA LYS A 242 -18.71 -8.36 32.02
C LYS A 242 -19.89 -7.45 31.69
N VAL A 243 -20.93 -8.01 31.06
CA VAL A 243 -22.06 -7.22 30.65
C VAL A 243 -23.41 -7.77 31.15
N PHE A 244 -23.80 -8.94 30.69
CA PHE A 244 -25.17 -9.38 30.90
C PHE A 244 -25.49 -9.88 32.29
N ASP A 245 -24.43 -10.10 33.06
CA ASP A 245 -24.52 -10.42 34.46
C ASP A 245 -25.11 -9.27 35.25
N HIS A 246 -24.97 -8.06 34.73
CA HIS A 246 -25.35 -6.85 35.45
C HIS A 246 -26.69 -6.29 35.00
N TYR A 247 -27.31 -6.96 34.05
CA TYR A 247 -28.57 -6.51 33.51
C TYR A 247 -29.56 -7.66 33.56
N ASP A 248 -30.80 -7.40 33.16
CA ASP A 248 -31.78 -8.47 33.08
C ASP A 248 -32.35 -8.51 31.67
N ALA A 249 -31.46 -8.34 30.69
CA ALA A 249 -31.81 -8.43 29.28
C ALA A 249 -31.72 -9.87 28.83
N VAL A 250 -32.57 -10.25 27.89
CA VAL A 250 -32.49 -11.57 27.32
C VAL A 250 -31.55 -11.57 26.10
N THR A 251 -30.78 -12.62 25.93
CA THR A 251 -29.80 -12.66 24.83
C THR A 251 -30.16 -13.77 23.85
N ALA A 252 -30.16 -13.43 22.57
CA ALA A 252 -30.54 -14.38 21.55
C ALA A 252 -29.45 -14.50 20.49
N GLY A 253 -28.83 -15.67 20.39
CA GLY A 253 -27.77 -15.89 19.43
C GLY A 253 -28.24 -16.43 18.08
N GLU A 254 -27.86 -15.73 17.00
CA GLU A 254 -28.03 -16.29 15.66
C GLU A 254 -26.87 -17.22 15.40
N ILE A 255 -27.08 -18.51 15.62
CA ILE A 255 -26.01 -19.50 15.46
C ILE A 255 -25.92 -20.05 14.03
N PHE A 256 -25.59 -19.21 13.07
CA PHE A 256 -25.55 -19.67 11.69
C PHE A 256 -24.30 -20.46 11.37
N GLY A 257 -24.49 -21.67 10.84
CA GLY A 257 -23.38 -22.46 10.32
C GLY A 257 -22.91 -23.52 11.28
N ALA A 258 -23.22 -23.38 12.56
CA ALA A 258 -22.68 -24.31 13.53
C ALA A 258 -23.41 -25.64 13.45
N PRO A 259 -22.68 -26.74 13.63
CA PRO A 259 -23.34 -28.04 13.69
C PRO A 259 -24.27 -28.08 14.89
N LEU A 260 -25.43 -28.70 14.71
CA LEU A 260 -26.48 -28.65 15.71
C LEU A 260 -26.02 -29.11 17.08
N ASN A 261 -25.04 -30.01 17.11
CA ASN A 261 -24.68 -30.64 18.38
C ASN A 261 -23.81 -29.76 19.28
N GLN A 262 -23.36 -28.62 18.72
CA GLN A 262 -22.61 -27.61 19.47
C GLN A 262 -23.52 -26.51 20.05
N VAL A 263 -24.76 -26.50 19.61
CA VAL A 263 -25.72 -25.50 20.08
C VAL A 263 -25.89 -25.42 21.62
N PRO A 264 -25.89 -26.57 22.33
CA PRO A 264 -26.04 -26.49 23.79
C PRO A 264 -24.93 -25.66 24.47
N LEU A 265 -23.78 -25.54 23.82
CA LEU A 265 -22.67 -24.78 24.37
C LEU A 265 -23.03 -23.30 24.46
N PHE A 266 -23.94 -22.86 23.60
CA PHE A 266 -24.33 -21.46 23.55
C PHE A 266 -25.48 -21.15 24.51
N ILE A 267 -26.35 -22.12 24.78
CA ILE A 267 -27.65 -21.81 25.39
C ILE A 267 -27.95 -22.49 26.72
N ASP A 268 -27.17 -23.50 27.08
CA ASP A 268 -27.23 -24.10 28.40
C ASP A 268 -27.08 -23.00 29.46
N SER A 269 -28.14 -22.78 30.23
CA SER A 269 -28.19 -21.68 31.18
C SER A 269 -27.04 -21.75 32.20
N ARG A 270 -26.64 -22.97 32.56
CA ARG A 270 -25.50 -23.19 33.46
C ARG A 270 -24.17 -22.65 32.92
N ARG A 271 -24.00 -22.65 31.59
CA ARG A 271 -22.73 -22.22 30.99
C ARG A 271 -22.59 -20.72 31.03
N LYS A 272 -23.68 -20.03 31.36
CA LYS A 272 -23.68 -18.56 31.42
C LYS A 272 -23.14 -17.94 30.15
N GLU A 273 -23.76 -18.29 29.03
CA GLU A 273 -23.42 -17.65 27.77
C GLU A 273 -24.63 -16.91 27.26
N LEU A 274 -25.43 -17.55 26.41
CA LEU A 274 -26.64 -16.93 25.85
C LEU A 274 -27.92 -17.59 26.37
N ASP A 275 -29.01 -16.84 26.34
CA ASP A 275 -30.32 -17.31 26.80
C ASP A 275 -31.08 -18.16 25.77
N MET A 276 -31.05 -17.74 24.52
CA MET A 276 -31.85 -18.38 23.46
C MET A 276 -31.09 -18.55 22.18
N ALA A 277 -31.45 -19.55 21.39
CA ALA A 277 -30.85 -19.74 20.06
C ALA A 277 -31.80 -19.56 18.87
N PHE A 278 -31.30 -18.88 17.83
CA PHE A 278 -31.84 -18.98 16.48
C PHE A 278 -31.00 -19.98 15.72
N THR A 279 -31.57 -21.14 15.41
CA THR A 279 -30.85 -22.12 14.62
C THR A 279 -31.40 -22.14 13.20
N PHE A 280 -30.69 -22.80 12.29
CA PHE A 280 -31.07 -22.72 10.88
C PHE A 280 -31.19 -24.06 10.24
N ASP A 281 -31.11 -25.10 11.06
CA ASP A 281 -31.32 -26.46 10.58
C ASP A 281 -32.68 -26.54 9.89
N LEU A 282 -33.71 -25.96 10.52
CA LEU A 282 -35.06 -26.01 9.94
C LEU A 282 -35.26 -25.15 8.72
N ILE A 283 -34.92 -23.87 8.81
CA ILE A 283 -35.20 -22.97 7.69
C ILE A 283 -34.35 -23.22 6.43
N ARG A 284 -33.19 -23.85 6.62
CA ARG A 284 -32.35 -24.26 5.48
C ARG A 284 -32.40 -25.77 5.26
N TYR A 285 -33.41 -26.43 5.81
CA TYR A 285 -33.55 -27.90 5.72
C TYR A 285 -33.67 -28.39 4.26
N ASP A 286 -34.05 -27.50 3.35
CA ASP A 286 -34.14 -27.87 1.94
C ASP A 286 -33.27 -26.97 1.07
N ARG A 287 -32.21 -26.43 1.67
CA ARG A 287 -31.30 -25.58 0.91
C ARG A 287 -30.02 -26.37 0.59
N ALA A 288 -29.59 -26.32 -0.66
CA ALA A 288 -28.35 -26.99 -1.07
C ALA A 288 -27.13 -26.33 -0.42
N LEU A 289 -25.99 -27.00 -0.46
CA LEU A 289 -24.77 -26.52 0.19
C LEU A 289 -24.27 -25.19 -0.34
N ASP A 290 -24.66 -24.86 -1.57
CA ASP A 290 -24.25 -23.60 -2.21
C ASP A 290 -25.14 -22.44 -1.79
N ARG A 291 -26.20 -22.76 -1.04
CA ARG A 291 -27.08 -21.77 -0.41
C ARG A 291 -27.99 -21.02 -1.37
N TRP A 292 -28.02 -21.44 -2.63
CA TRP A 292 -28.97 -20.88 -3.59
C TRP A 292 -29.82 -21.92 -4.31
N HIS A 293 -29.36 -23.16 -4.36
CA HIS A 293 -30.19 -24.22 -4.91
C HIS A 293 -31.09 -24.82 -3.84
N THR A 294 -32.16 -25.45 -4.31
CA THR A 294 -33.15 -26.08 -3.47
C THR A 294 -33.00 -27.60 -3.59
N ILE A 295 -33.30 -28.33 -2.52
CA ILE A 295 -33.42 -29.78 -2.58
C ILE A 295 -34.79 -30.21 -2.06
N PRO A 296 -35.48 -31.08 -2.81
CA PRO A 296 -36.80 -31.55 -2.40
C PRO A 296 -36.82 -32.27 -1.05
N ARG A 297 -37.67 -31.81 -0.14
CA ARG A 297 -37.87 -32.48 1.15
C ARG A 297 -39.36 -32.79 1.37
N THR A 298 -39.66 -33.61 2.38
CA THR A 298 -41.03 -33.88 2.76
C THR A 298 -41.29 -33.43 4.20
N LEU A 299 -42.54 -33.58 4.64
CA LEU A 299 -42.91 -33.27 6.01
C LEU A 299 -42.12 -34.12 6.99
N ALA A 300 -41.78 -35.34 6.58
CA ALA A 300 -40.96 -36.20 7.44
C ALA A 300 -39.62 -35.55 7.81
N ASP A 301 -38.95 -34.93 6.83
CA ASP A 301 -37.70 -34.21 7.06
C ASP A 301 -37.91 -32.97 7.92
N PHE A 302 -39.02 -32.27 7.66
CA PHE A 302 -39.39 -31.07 8.39
C PHE A 302 -39.53 -31.41 9.88
N ARG A 303 -40.43 -32.36 10.19
CA ARG A 303 -40.66 -32.75 11.58
C ARG A 303 -39.43 -33.37 12.29
N GLN A 304 -38.65 -34.14 11.55
CA GLN A 304 -37.47 -34.78 12.11
C GLN A 304 -36.41 -33.75 12.51
N THR A 305 -36.20 -32.75 11.65
CA THR A 305 -35.34 -31.63 12.00
C THR A 305 -35.82 -30.95 13.30
N ILE A 306 -37.11 -30.60 13.36
CA ILE A 306 -37.68 -29.97 14.55
C ILE A 306 -37.40 -30.80 15.79
N ASP A 307 -37.60 -32.11 15.67
CA ASP A 307 -37.40 -33.01 16.79
C ASP A 307 -35.95 -32.94 17.29
N LYS A 308 -35.00 -33.00 16.35
CA LYS A 308 -33.56 -32.86 16.65
C LYS A 308 -33.27 -31.56 17.36
N VAL A 309 -33.80 -30.46 16.81
CA VAL A 309 -33.54 -29.16 17.36
C VAL A 309 -34.09 -29.04 18.78
N ASP A 310 -35.32 -29.48 18.98
CA ASP A 310 -35.94 -29.42 20.29
C ASP A 310 -35.16 -30.20 21.33
N ALA A 311 -34.72 -31.41 20.97
CA ALA A 311 -33.96 -32.25 21.88
C ALA A 311 -32.60 -31.63 22.24
N ILE A 312 -32.07 -30.79 21.37
CA ILE A 312 -30.80 -30.14 21.62
C ILE A 312 -30.92 -29.14 22.78
N ALA A 313 -32.10 -28.56 22.95
CA ALA A 313 -32.28 -27.60 24.04
C ALA A 313 -32.11 -28.28 25.39
N GLY A 314 -32.65 -29.48 25.53
CA GLY A 314 -32.52 -30.22 26.76
C GLY A 314 -33.23 -29.52 27.89
N GLU A 315 -32.79 -29.81 29.11
CA GLU A 315 -33.39 -29.28 30.33
C GLU A 315 -32.98 -27.84 30.63
N TYR A 316 -31.76 -27.46 30.27
CA TYR A 316 -31.26 -26.15 30.69
C TYR A 316 -31.13 -25.15 29.56
N GLY A 317 -31.45 -25.55 28.34
CA GLY A 317 -31.32 -24.66 27.20
C GLY A 317 -32.69 -24.21 26.71
N TRP A 318 -32.72 -23.29 25.75
CA TRP A 318 -33.99 -22.79 25.22
C TRP A 318 -33.89 -22.30 23.79
N ASN A 319 -34.87 -22.69 22.98
CA ASN A 319 -34.89 -22.37 21.56
C ASN A 319 -35.85 -21.24 21.23
N THR A 320 -35.52 -20.47 20.19
CA THR A 320 -36.51 -19.65 19.51
C THR A 320 -37.18 -20.55 18.50
N PHE A 321 -38.33 -20.12 17.96
CA PHE A 321 -38.92 -20.82 16.81
C PHE A 321 -39.42 -19.82 15.78
N PHE A 322 -39.12 -20.09 14.52
CA PHE A 322 -39.48 -19.16 13.48
C PHE A 322 -39.57 -19.89 12.16
N LEU A 323 -40.38 -19.39 11.24
CA LEU A 323 -40.54 -19.99 9.92
C LEU A 323 -40.07 -19.00 8.87
N GLY A 324 -39.72 -17.81 9.31
CA GLY A 324 -39.32 -16.77 8.40
C GLY A 324 -38.49 -15.69 9.03
N ASN A 325 -37.66 -15.04 8.22
CA ASN A 325 -36.94 -13.82 8.64
C ASN A 325 -36.45 -13.02 7.42
N HIS A 326 -35.61 -12.03 7.67
CA HIS A 326 -35.18 -11.12 6.63
C HIS A 326 -34.09 -11.74 5.75
N ASP A 327 -33.69 -12.97 6.06
CA ASP A 327 -32.65 -13.62 5.26
C ASP A 327 -33.20 -14.82 4.45
N ASN A 328 -34.51 -15.00 4.44
CA ASN A 328 -35.09 -16.21 3.91
C ASN A 328 -36.39 -15.97 3.16
N PRO A 329 -36.77 -16.90 2.26
CA PRO A 329 -38.03 -16.74 1.51
C PRO A 329 -39.26 -16.76 2.43
N ARG A 330 -40.40 -16.34 1.89
CA ARG A 330 -41.58 -16.17 2.73
C ARG A 330 -42.09 -17.53 3.21
N ALA A 331 -42.50 -17.59 4.47
CA ALA A 331 -42.91 -18.85 5.09
C ALA A 331 -44.01 -19.60 4.32
N VAL A 332 -45.08 -18.92 3.94
CA VAL A 332 -46.15 -19.62 3.19
C VAL A 332 -45.67 -20.18 1.83
N SER A 333 -44.76 -19.47 1.17
CA SER A 333 -44.22 -19.93 -0.12
C SER A 333 -43.28 -21.10 0.07
N HIS A 334 -42.49 -21.04 1.14
CA HIS A 334 -41.44 -22.00 1.44
C HIS A 334 -41.98 -23.30 2.02
N PHE A 335 -42.84 -23.18 3.02
CA PHE A 335 -43.30 -24.35 3.76
C PHE A 335 -44.76 -24.70 3.46
N GLY A 336 -45.50 -23.77 2.89
CA GLY A 336 -46.92 -23.97 2.66
C GLY A 336 -47.22 -24.13 1.20
N ASP A 337 -48.32 -23.50 0.76
CA ASP A 337 -48.71 -23.51 -0.66
C ASP A 337 -49.25 -22.13 -1.02
N ASP A 338 -48.45 -21.32 -1.71
CA ASP A 338 -48.87 -19.95 -1.99
C ASP A 338 -49.76 -19.80 -3.23
N ARG A 339 -50.20 -20.91 -3.80
CA ARG A 339 -51.19 -20.83 -4.89
C ARG A 339 -52.47 -20.18 -4.36
N PRO A 340 -53.16 -19.40 -5.21
CA PRO A 340 -54.28 -18.56 -4.75
C PRO A 340 -55.35 -19.35 -3.99
N GLN A 341 -55.53 -20.62 -4.33
CA GLN A 341 -56.59 -21.39 -3.70
C GLN A 341 -56.16 -22.08 -2.41
N TRP A 342 -54.85 -22.05 -2.11
CA TRP A 342 -54.34 -22.74 -0.93
C TRP A 342 -53.55 -21.83 0.00
N ARG A 343 -53.32 -20.60 -0.43
CA ARG A 343 -52.50 -19.68 0.35
C ARG A 343 -53.05 -19.44 1.77
N GLU A 344 -54.30 -19.04 1.88
CA GLU A 344 -54.88 -18.73 3.19
C GLU A 344 -54.90 -19.96 4.09
N ALA A 345 -55.40 -21.07 3.58
CA ALA A 345 -55.44 -22.29 4.37
C ALA A 345 -54.05 -22.73 4.84
N SER A 346 -53.07 -22.74 3.93
CA SER A 346 -51.74 -23.21 4.31
C SER A 346 -51.05 -22.23 5.27
N ALA A 347 -51.32 -20.93 5.10
CA ALA A 347 -50.75 -19.90 5.97
C ALA A 347 -51.30 -19.97 7.39
N LYS A 348 -52.54 -20.44 7.52
CA LYS A 348 -53.12 -20.65 8.84
C LYS A 348 -52.53 -21.90 9.48
N ALA A 349 -52.37 -22.95 8.69
CA ALA A 349 -51.82 -24.18 9.22
C ALA A 349 -50.38 -23.99 9.75
N LEU A 350 -49.61 -23.14 9.08
CA LEU A 350 -48.24 -22.87 9.51
C LEU A 350 -48.22 -22.02 10.78
N ALA A 351 -49.24 -21.16 10.91
CA ALA A 351 -49.44 -20.35 12.10
C ALA A 351 -49.65 -21.23 13.32
N THR A 352 -50.53 -22.21 13.15
CA THR A 352 -50.83 -23.19 14.19
C THR A 352 -49.53 -23.86 14.64
N VAL A 353 -48.72 -24.26 13.66
CA VAL A 353 -47.41 -24.82 13.94
C VAL A 353 -46.54 -23.82 14.72
N THR A 354 -46.34 -22.62 14.15
CA THR A 354 -45.47 -21.61 14.74
C THR A 354 -45.80 -21.34 16.20
N LEU A 355 -47.10 -21.28 16.51
CA LEU A 355 -47.49 -20.86 17.84
C LEU A 355 -47.77 -22.01 18.81
N THR A 356 -47.50 -23.24 18.41
CA THR A 356 -47.62 -24.35 19.35
C THR A 356 -46.31 -25.10 19.49
N GLN A 357 -45.23 -24.46 19.05
CA GLN A 357 -43.93 -25.09 19.15
C GLN A 357 -43.31 -24.79 20.51
N ARG A 358 -42.49 -25.71 21.00
CA ARG A 358 -41.81 -25.50 22.28
C ARG A 358 -40.64 -24.56 22.06
N GLY A 359 -40.73 -23.36 22.60
CA GLY A 359 -39.70 -22.36 22.38
C GLY A 359 -40.32 -20.98 22.35
N THR A 360 -39.54 -19.98 22.02
CA THR A 360 -40.07 -18.63 21.92
C THR A 360 -40.32 -18.33 20.46
N PRO A 361 -41.58 -18.11 20.08
CA PRO A 361 -41.83 -17.92 18.65
C PRO A 361 -41.57 -16.49 18.17
N PHE A 362 -41.01 -16.36 16.97
CA PHE A 362 -40.86 -15.06 16.33
C PHE A 362 -41.69 -15.04 15.04
N ILE A 363 -42.62 -14.10 14.93
CA ILE A 363 -43.43 -13.94 13.73
C ILE A 363 -42.80 -12.84 12.89
N PHE A 364 -42.39 -13.16 11.66
CA PHE A 364 -41.77 -12.16 10.80
C PHE A 364 -42.85 -11.30 10.14
N GLN A 365 -42.61 -10.00 10.06
CA GLN A 365 -43.61 -9.04 9.57
C GLN A 365 -44.22 -9.46 8.24
N GLY A 366 -45.54 -9.52 8.21
CA GLY A 366 -46.25 -9.85 6.98
C GLY A 366 -46.77 -11.27 6.95
N ASP A 367 -46.13 -12.16 7.72
CA ASP A 367 -46.56 -13.53 7.70
C ASP A 367 -47.92 -13.69 8.37
N GLU A 368 -48.29 -12.71 9.21
CA GLU A 368 -49.59 -12.75 9.86
C GLU A 368 -50.70 -12.41 8.87
N LEU A 369 -50.32 -11.85 7.72
CA LEU A 369 -51.25 -11.57 6.63
C LEU A 369 -51.24 -12.67 5.57
N GLY A 370 -50.17 -13.44 5.55
CA GLY A 370 -49.97 -14.45 4.53
C GLY A 370 -49.27 -13.89 3.30
N MET A 371 -48.41 -12.89 3.50
CA MET A 371 -47.57 -12.39 2.41
C MET A 371 -46.76 -13.51 1.76
N THR A 372 -46.47 -13.36 0.46
CA THR A 372 -45.85 -14.43 -0.31
C THR A 372 -44.51 -13.96 -0.89
N ASN A 373 -43.78 -14.89 -1.52
CA ASN A 373 -42.61 -14.50 -2.31
C ASN A 373 -43.03 -13.52 -3.37
N TYR A 374 -42.04 -12.79 -3.87
CA TYR A 374 -42.30 -11.78 -4.87
C TYR A 374 -41.96 -12.34 -6.25
N PRO A 375 -42.75 -11.99 -7.28
CA PRO A 375 -42.54 -12.51 -8.65
C PRO A 375 -41.44 -11.78 -9.42
N PHE A 376 -40.18 -12.02 -9.03
CA PHE A 376 -39.02 -11.45 -9.68
C PHE A 376 -38.96 -11.88 -11.13
N LYS A 377 -38.67 -10.95 -12.04
CA LYS A 377 -38.60 -11.26 -13.47
C LYS A 377 -37.19 -11.22 -14.06
N THR A 378 -36.35 -10.30 -13.58
CA THR A 378 -34.95 -10.25 -14.00
C THR A 378 -34.02 -10.11 -12.79
N LEU A 379 -32.73 -10.31 -13.01
CA LEU A 379 -31.75 -10.20 -11.92
C LEU A 379 -31.60 -8.76 -11.44
N GLN A 380 -32.01 -7.81 -12.26
CA GLN A 380 -32.01 -6.42 -11.85
C GLN A 380 -33.16 -6.13 -10.86
N ASP A 381 -34.02 -7.11 -10.63
CA ASP A 381 -35.10 -6.91 -9.69
C ASP A 381 -34.66 -7.13 -8.24
N PHE A 382 -33.46 -7.68 -8.04
CA PHE A 382 -32.92 -7.92 -6.70
C PHE A 382 -32.00 -6.81 -6.23
N ASP A 383 -32.28 -6.26 -5.05
CA ASP A 383 -31.39 -5.28 -4.43
C ASP A 383 -30.26 -6.01 -3.76
N ASP A 384 -30.52 -7.25 -3.38
CA ASP A 384 -29.64 -7.93 -2.44
C ASP A 384 -28.21 -8.07 -2.91
N ILE A 385 -27.30 -7.79 -1.99
CA ILE A 385 -25.87 -7.91 -2.24
C ILE A 385 -25.48 -9.38 -2.39
N GLU A 386 -26.18 -10.27 -1.71
CA GLU A 386 -25.88 -11.72 -1.79
C GLU A 386 -26.17 -12.33 -3.19
N VAL A 387 -27.17 -11.81 -3.90
CA VAL A 387 -27.44 -12.27 -5.26
C VAL A 387 -26.32 -11.86 -6.19
N LYS A 388 -25.86 -10.62 -6.06
CA LYS A 388 -24.73 -10.17 -6.84
C LYS A 388 -23.53 -11.09 -6.60
N GLY A 389 -23.35 -11.53 -5.36
CA GLY A 389 -22.31 -12.49 -5.01
C GLY A 389 -22.43 -13.83 -5.71
N PHE A 390 -23.65 -14.38 -5.78
CA PHE A 390 -23.92 -15.59 -6.57
C PHE A 390 -23.58 -15.40 -8.06
N PHE A 391 -23.94 -14.24 -8.59
CA PHE A 391 -23.63 -13.94 -9.99
C PHE A 391 -22.12 -13.87 -10.21
N GLN A 392 -21.41 -13.26 -9.26
CA GLN A 392 -19.95 -13.23 -9.35
C GLN A 392 -19.38 -14.64 -9.27
N ASP A 393 -19.88 -15.43 -8.33
CA ASP A 393 -19.26 -16.71 -8.02
C ASP A 393 -19.67 -17.86 -8.92
N TYR A 394 -20.85 -17.76 -9.52
CA TYR A 394 -21.36 -18.89 -10.29
C TYR A 394 -21.66 -18.55 -11.74
N VAL A 395 -22.07 -17.32 -12.01
CA VAL A 395 -22.31 -16.96 -13.40
C VAL A 395 -21.03 -16.52 -14.11
N GLU A 396 -20.37 -15.51 -13.56
CA GLU A 396 -19.13 -15.01 -14.15
C GLU A 396 -18.05 -16.08 -14.32
N THR A 397 -18.16 -17.14 -13.54
CA THR A 397 -17.20 -18.23 -13.61
C THR A 397 -17.67 -19.32 -14.57
N GLY A 398 -18.83 -19.11 -15.19
CA GLY A 398 -19.38 -20.06 -16.13
C GLY A 398 -19.99 -21.32 -15.51
N LYS A 399 -20.08 -21.40 -14.18
CA LYS A 399 -20.68 -22.57 -13.52
C LYS A 399 -22.18 -22.68 -13.78
N ALA A 400 -22.82 -21.54 -14.00
CA ALA A 400 -24.27 -21.50 -14.25
C ALA A 400 -24.60 -20.32 -15.13
N THR A 401 -25.75 -20.41 -15.82
CA THR A 401 -26.19 -19.29 -16.62
C THR A 401 -26.98 -18.33 -15.76
N ALA A 402 -27.09 -17.09 -16.22
CA ALA A 402 -27.92 -16.11 -15.54
C ALA A 402 -29.38 -16.58 -15.43
N GLU A 403 -29.85 -17.36 -16.40
CA GLU A 403 -31.22 -17.86 -16.33
C GLU A 403 -31.37 -18.88 -15.20
N GLU A 404 -30.40 -19.80 -15.12
CA GLU A 404 -30.34 -20.78 -14.05
C GLU A 404 -30.26 -20.12 -12.66
N LEU A 405 -29.42 -19.10 -12.53
CA LEU A 405 -29.34 -18.38 -11.25
C LEU A 405 -30.69 -17.79 -10.90
N LEU A 406 -31.27 -17.07 -11.84
CA LEU A 406 -32.56 -16.40 -11.66
C LEU A 406 -33.68 -17.35 -11.26
N THR A 407 -33.77 -18.48 -11.94
CA THR A 407 -34.79 -19.49 -11.66
C THR A 407 -34.74 -19.92 -10.22
N ASN A 408 -33.51 -20.04 -9.72
CA ASN A 408 -33.28 -20.58 -8.40
C ASN A 408 -33.32 -19.54 -7.29
N VAL A 409 -32.64 -18.41 -7.45
CA VAL A 409 -32.70 -17.38 -6.43
C VAL A 409 -34.08 -16.76 -6.26
N ALA A 410 -34.92 -16.83 -7.29
CA ALA A 410 -36.29 -16.35 -7.17
C ALA A 410 -37.00 -17.01 -5.99
N LEU A 411 -36.65 -18.27 -5.73
CA LEU A 411 -37.27 -19.06 -4.68
C LEU A 411 -36.53 -18.96 -3.33
N THR A 412 -35.29 -18.48 -3.33
CA THR A 412 -34.48 -18.54 -2.12
C THR A 412 -34.03 -17.18 -1.60
N SER A 413 -34.06 -16.17 -2.47
CA SER A 413 -33.50 -14.86 -2.14
C SER A 413 -34.15 -14.16 -0.95
N ARG A 414 -33.30 -13.51 -0.14
CA ARG A 414 -33.72 -12.80 1.06
C ARG A 414 -34.70 -11.70 0.70
N ASP A 415 -34.55 -11.18 -0.52
CA ASP A 415 -35.38 -10.05 -0.93
C ASP A 415 -36.84 -10.43 -0.98
N ASN A 416 -37.14 -11.72 -0.99
CA ASN A 416 -38.54 -12.15 -0.90
C ASN A 416 -39.16 -11.65 0.40
N ALA A 417 -38.35 -11.55 1.44
CA ALA A 417 -38.85 -11.16 2.75
C ALA A 417 -38.84 -9.66 2.97
N ARG A 418 -38.29 -8.92 2.00
CA ARG A 418 -37.97 -7.52 2.22
C ARG A 418 -38.86 -6.56 1.45
N THR A 419 -39.78 -7.09 0.65
CA THR A 419 -40.72 -6.22 -0.01
C THR A 419 -41.59 -5.57 1.06
N PRO A 420 -41.93 -4.29 0.89
CA PRO A 420 -42.67 -3.48 1.88
C PRO A 420 -43.91 -4.16 2.46
N PHE A 421 -44.10 -3.98 3.77
CA PHE A 421 -45.30 -4.47 4.45
C PHE A 421 -46.54 -3.94 3.75
N GLN A 422 -47.55 -4.79 3.61
CA GLN A 422 -48.75 -4.44 2.85
C GLN A 422 -49.87 -4.02 3.80
N TRP A 423 -49.96 -2.71 4.04
CA TRP A 423 -50.89 -2.14 5.03
C TRP A 423 -52.31 -2.03 4.51
N ASP A 424 -52.49 -1.48 3.32
CA ASP A 424 -53.82 -1.41 2.71
C ASP A 424 -53.74 -1.55 1.19
N ASP A 425 -54.67 -0.93 0.48
CA ASP A 425 -54.63 -0.98 -0.98
C ASP A 425 -54.52 0.40 -1.60
N SER A 426 -54.04 1.36 -0.82
CA SER A 426 -53.63 2.64 -1.39
C SER A 426 -52.36 2.42 -2.20
N ALA A 427 -51.87 3.49 -2.81
CA ALA A 427 -50.66 3.43 -3.61
C ALA A 427 -49.51 2.80 -2.81
N ASN A 428 -48.87 1.79 -3.40
CA ASN A 428 -47.80 1.05 -2.76
C ASN A 428 -48.18 0.43 -1.42
N ALA A 429 -49.42 -0.05 -1.35
CA ALA A 429 -49.97 -0.74 -0.20
C ALA A 429 -49.85 0.06 1.08
N GLY A 430 -49.81 1.38 0.95
CA GLY A 430 -49.81 2.25 2.12
C GLY A 430 -48.50 2.32 2.87
N PHE A 431 -47.46 1.68 2.34
CA PHE A 431 -46.14 1.72 2.94
C PHE A 431 -45.46 3.09 2.83
N THR A 432 -45.66 3.77 1.71
CA THR A 432 -45.04 5.07 1.45
C THR A 432 -45.90 5.90 0.51
N THR A 433 -45.74 7.22 0.59
CA THR A 433 -46.43 8.09 -0.34
C THR A 433 -45.51 8.42 -1.51
N GLY A 434 -44.29 7.92 -1.44
CA GLY A 434 -43.32 8.12 -2.52
C GLY A 434 -43.03 6.83 -3.26
N LYS A 435 -41.77 6.62 -3.59
CA LYS A 435 -41.33 5.46 -4.36
C LYS A 435 -40.56 4.50 -3.46
N PRO A 436 -41.13 3.30 -3.20
CA PRO A 436 -40.54 2.29 -2.32
C PRO A 436 -39.15 1.86 -2.77
N TRP A 437 -38.25 1.62 -1.81
CA TRP A 437 -36.87 1.29 -2.11
C TRP A 437 -36.79 -0.08 -2.78
N LEU A 438 -37.77 -0.92 -2.52
CA LEU A 438 -37.92 -2.20 -3.19
C LEU A 438 -39.39 -2.35 -3.56
N LYS A 439 -39.69 -2.78 -4.79
CA LYS A 439 -41.09 -2.79 -5.27
C LYS A 439 -42.04 -3.64 -4.42
N VAL A 440 -43.24 -3.11 -4.19
CA VAL A 440 -44.27 -3.82 -3.46
C VAL A 440 -44.83 -4.93 -4.35
N ASN A 441 -45.14 -6.08 -3.75
CA ASN A 441 -45.75 -7.20 -4.44
C ASN A 441 -47.14 -6.79 -4.96
N PRO A 442 -47.43 -7.11 -6.23
CA PRO A 442 -48.74 -6.76 -6.79
C PRO A 442 -49.92 -7.39 -6.04
N ASN A 443 -49.72 -8.50 -5.34
CA ASN A 443 -50.84 -9.14 -4.64
C ASN A 443 -51.34 -8.34 -3.43
N TYR A 444 -50.86 -7.11 -3.27
CA TYR A 444 -51.28 -6.28 -2.15
C TYR A 444 -52.77 -5.97 -2.24
N THR A 445 -53.31 -6.00 -3.46
CA THR A 445 -54.72 -5.74 -3.67
C THR A 445 -55.62 -6.73 -2.92
N GLU A 446 -55.14 -7.96 -2.76
CA GLU A 446 -55.85 -9.00 -2.02
C GLU A 446 -55.29 -9.16 -0.61
N ILE A 447 -53.97 -9.00 -0.47
CA ILE A 447 -53.28 -9.24 0.78
C ILE A 447 -52.83 -7.92 1.38
N ASN A 448 -53.54 -7.45 2.40
CA ASN A 448 -53.20 -6.22 3.10
C ASN A 448 -53.89 -6.15 4.46
N ALA A 449 -53.31 -5.41 5.39
CA ALA A 449 -53.76 -5.43 6.78
C ALA A 449 -55.20 -4.95 6.91
N ALA A 450 -55.49 -3.79 6.34
CA ALA A 450 -56.82 -3.19 6.38
C ALA A 450 -57.94 -4.17 5.97
N ARG A 451 -57.68 -5.03 5.00
CA ARG A 451 -58.70 -5.99 4.60
C ARG A 451 -58.81 -7.16 5.57
N GLU A 452 -57.70 -7.50 6.21
CA GLU A 452 -57.75 -8.68 7.06
C GLU A 452 -58.23 -8.38 8.48
N ILE A 453 -57.99 -7.17 8.94
CA ILE A 453 -58.23 -6.84 10.35
C ILE A 453 -59.72 -6.91 10.72
N GLY A 454 -60.58 -6.59 9.76
CA GLY A 454 -62.01 -6.62 10.05
C GLY A 454 -62.66 -7.97 9.86
N ASP A 455 -61.92 -8.90 9.26
CA ASP A 455 -62.51 -10.15 8.82
C ASP A 455 -62.14 -11.30 9.75
N PRO A 456 -63.12 -11.78 10.53
CA PRO A 456 -62.97 -12.88 11.47
C PRO A 456 -62.34 -14.14 10.89
N LYS A 457 -62.45 -14.31 9.57
CA LYS A 457 -61.95 -15.50 8.90
C LYS A 457 -60.56 -15.28 8.25
N SER A 458 -59.98 -14.10 8.44
CA SER A 458 -58.71 -13.76 7.77
C SER A 458 -57.48 -14.43 8.40
N VAL A 459 -56.36 -14.39 7.68
CA VAL A 459 -55.11 -14.94 8.21
C VAL A 459 -54.69 -14.18 9.47
N TYR A 460 -54.76 -12.85 9.43
CA TYR A 460 -54.51 -12.03 10.62
C TYR A 460 -55.32 -12.47 11.85
N SER A 461 -56.62 -12.67 11.64
CA SER A 461 -57.51 -12.96 12.75
C SER A 461 -57.18 -14.31 13.35
N PHE A 462 -56.80 -15.24 12.49
CA PHE A 462 -56.40 -16.56 12.96
C PHE A 462 -55.12 -16.50 13.82
N TYR A 463 -54.13 -15.70 13.40
CA TYR A 463 -52.87 -15.52 14.15
C TYR A 463 -53.19 -14.85 15.49
N ARG A 464 -54.02 -13.81 15.45
CA ARG A 464 -54.43 -13.15 16.66
C ARG A 464 -55.08 -14.11 17.66
N ASN A 465 -55.98 -14.95 17.18
CA ASN A 465 -56.63 -15.94 18.02
C ASN A 465 -55.67 -16.99 18.60
N LEU A 466 -54.72 -17.46 17.78
CA LEU A 466 -53.70 -18.39 18.26
C LEU A 466 -52.82 -17.75 19.32
N ILE A 467 -52.53 -16.46 19.16
CA ILE A 467 -51.67 -15.78 20.12
C ILE A 467 -52.40 -15.69 21.46
N SER A 468 -53.73 -15.56 21.40
CA SER A 468 -54.53 -15.52 22.63
C SER A 468 -54.52 -16.87 23.33
N ILE A 469 -54.78 -17.92 22.56
CA ILE A 469 -54.81 -19.27 23.11
C ILE A 469 -53.48 -19.65 23.77
N ARG A 470 -52.38 -19.37 23.08
CA ARG A 470 -51.07 -19.69 23.61
C ARG A 470 -50.83 -18.97 24.93
N HIS A 471 -51.09 -17.67 24.93
CA HIS A 471 -50.93 -16.83 26.10
C HIS A 471 -51.70 -17.37 27.31
N GLU A 472 -52.82 -18.02 27.04
CA GLU A 472 -53.69 -18.53 28.09
C GLU A 472 -53.43 -20.00 28.42
N THR A 473 -52.48 -20.62 27.72
CA THR A 473 -52.26 -22.06 27.85
C THR A 473 -50.77 -22.38 28.06
N PRO A 474 -50.35 -22.46 29.34
CA PRO A 474 -48.93 -22.56 29.71
C PRO A 474 -48.23 -23.73 29.05
N ALA A 475 -48.94 -24.84 28.84
CA ALA A 475 -48.33 -26.02 28.26
C ALA A 475 -47.89 -25.75 26.81
N LEU A 476 -48.52 -24.76 26.18
CA LEU A 476 -48.22 -24.48 24.78
C LEU A 476 -46.99 -23.60 24.59
N SER A 477 -46.44 -23.07 25.69
CA SER A 477 -45.17 -22.35 25.60
C SER A 477 -44.07 -23.18 26.23
N THR A 478 -44.20 -23.44 27.52
CA THR A 478 -43.18 -24.14 28.29
C THR A 478 -43.43 -25.64 28.54
N GLY A 479 -44.44 -26.20 27.88
CA GLY A 479 -44.70 -27.62 28.04
C GLY A 479 -43.67 -28.48 27.33
N SER A 480 -43.66 -29.76 27.67
CA SER A 480 -42.82 -30.72 26.96
C SER A 480 -43.38 -30.89 25.54
N TYR A 481 -42.60 -31.50 24.67
CA TYR A 481 -42.97 -31.68 23.27
C TYR A 481 -42.70 -33.11 22.88
N ARG A 482 -43.65 -33.72 22.16
CA ARG A 482 -43.43 -35.05 21.64
C ARG A 482 -44.07 -35.25 20.26
N ASP A 483 -43.24 -35.58 19.27
CA ASP A 483 -43.69 -35.93 17.95
C ASP A 483 -44.33 -37.32 18.01
N ILE A 484 -45.57 -37.44 17.53
CA ILE A 484 -46.28 -38.71 17.59
C ILE A 484 -45.78 -39.73 16.55
N ASP A 485 -45.29 -39.25 15.42
CA ASP A 485 -44.84 -40.16 14.36
C ASP A 485 -43.84 -39.53 13.41
N PRO A 486 -42.55 -39.51 13.79
CA PRO A 486 -41.53 -38.83 12.99
C PRO A 486 -41.43 -39.31 11.53
N SER A 487 -42.08 -40.41 11.19
CA SER A 487 -41.98 -40.94 9.83
C SER A 487 -43.15 -40.54 8.93
N ASN A 488 -44.25 -40.11 9.55
CA ASN A 488 -45.44 -39.69 8.79
C ASN A 488 -45.13 -38.45 7.96
N ALA A 489 -45.39 -38.52 6.65
CA ALA A 489 -45.06 -37.42 5.74
C ALA A 489 -46.29 -36.67 5.22
N ASP A 490 -47.46 -36.98 5.77
CA ASP A 490 -48.70 -36.30 5.38
C ASP A 490 -49.24 -35.37 6.47
N VAL A 491 -49.28 -35.89 7.70
CA VAL A 491 -49.92 -35.17 8.80
C VAL A 491 -48.98 -34.97 10.00
N TYR A 492 -48.77 -33.71 10.37
CA TYR A 492 -47.89 -33.37 11.50
C TYR A 492 -48.72 -33.42 12.78
N ALA A 493 -48.34 -34.30 13.71
CA ALA A 493 -49.10 -34.46 14.94
C ALA A 493 -48.19 -34.55 16.15
N TYR A 494 -48.49 -33.77 17.18
CA TYR A 494 -47.67 -33.80 18.39
C TYR A 494 -48.41 -33.34 19.64
N THR A 495 -47.80 -33.58 20.79
CA THR A 495 -48.40 -33.18 22.03
C THR A 495 -47.53 -32.18 22.79
N ARG A 496 -48.20 -31.34 23.59
CA ARG A 496 -47.54 -30.44 24.52
C ARG A 496 -48.15 -30.71 25.90
N SER A 497 -47.30 -30.87 26.90
CA SER A 497 -47.75 -31.29 28.23
C SER A 497 -47.15 -30.46 29.34
N GLN A 498 -47.98 -30.12 30.32
CA GLN A 498 -47.50 -29.45 31.52
C GLN A 498 -48.50 -29.60 32.65
N ASP A 499 -48.01 -30.14 33.76
CA ASP A 499 -48.77 -30.23 34.99
C ASP A 499 -50.06 -31.04 34.81
N GLY A 500 -49.91 -32.21 34.19
CA GLY A 500 -51.01 -33.12 33.99
C GLY A 500 -51.95 -32.77 32.85
N GLU A 501 -51.74 -31.63 32.21
CA GLU A 501 -52.56 -31.22 31.09
C GLU A 501 -51.86 -31.53 29.77
N THR A 502 -52.57 -32.18 28.85
CA THR A 502 -51.98 -32.48 27.55
C THR A 502 -52.83 -31.93 26.41
N TYR A 503 -52.15 -31.37 25.41
CA TYR A 503 -52.79 -30.83 24.22
C TYR A 503 -52.24 -31.56 23.01
N LEU A 504 -53.09 -31.77 22.03
CA LEU A 504 -52.73 -32.41 20.79
C LEU A 504 -52.78 -31.38 19.67
N VAL A 505 -51.72 -31.29 18.88
CA VAL A 505 -51.74 -30.42 17.71
C VAL A 505 -51.72 -31.29 16.47
N VAL A 506 -52.66 -31.08 15.54
CA VAL A 506 -52.70 -31.89 14.33
C VAL A 506 -52.84 -31.00 13.09
N VAL A 507 -51.93 -31.19 12.13
CA VAL A 507 -51.82 -30.32 10.96
C VAL A 507 -51.63 -31.10 9.66
N ASN A 508 -52.64 -31.08 8.78
CA ASN A 508 -52.51 -31.74 7.50
C ASN A 508 -51.61 -30.89 6.59
N PHE A 509 -50.52 -31.47 6.11
CA PHE A 509 -49.65 -30.75 5.19
C PHE A 509 -49.96 -31.10 3.72
N LYS A 510 -51.02 -31.86 3.51
CA LYS A 510 -51.41 -32.26 2.16
C LYS A 510 -52.61 -31.49 1.64
N ALA A 511 -52.65 -31.25 0.34
CA ALA A 511 -53.77 -30.57 -0.29
C ALA A 511 -54.81 -31.60 -0.71
N GLU A 512 -54.97 -32.62 0.14
CA GLU A 512 -55.93 -33.70 -0.02
C GLU A 512 -56.47 -34.06 1.35
N PRO A 513 -57.65 -34.70 1.41
CA PRO A 513 -58.19 -35.11 2.71
C PRO A 513 -57.32 -36.18 3.33
N ARG A 514 -57.21 -36.19 4.65
CA ARG A 514 -56.43 -37.22 5.34
C ARG A 514 -57.08 -37.60 6.65
N SER A 515 -56.71 -38.75 7.19
CA SER A 515 -57.20 -39.16 8.50
C SER A 515 -56.05 -39.26 9.49
N PHE A 516 -56.38 -39.17 10.77
CA PHE A 516 -55.38 -39.30 11.83
C PHE A 516 -55.88 -40.14 13.00
N THR A 517 -55.18 -41.21 13.33
CA THR A 517 -55.58 -42.04 14.47
C THR A 517 -54.74 -41.72 15.72
N LEU A 518 -55.40 -41.23 16.77
CA LEU A 518 -54.71 -40.88 18.02
C LEU A 518 -54.02 -42.09 18.63
N PRO A 519 -52.92 -41.85 19.36
CA PRO A 519 -52.25 -42.94 20.10
C PRO A 519 -53.22 -43.72 20.99
N ASP A 520 -52.97 -45.02 21.13
CA ASP A 520 -53.79 -45.91 21.97
C ASP A 520 -53.98 -45.31 23.35
N GLY A 521 -55.24 -45.10 23.73
CA GLY A 521 -55.56 -44.65 25.08
C GLY A 521 -55.73 -43.16 25.19
N MET A 522 -55.59 -42.44 24.08
CA MET A 522 -55.78 -41.00 24.05
C MET A 522 -57.09 -40.63 23.34
N HIS A 523 -57.82 -39.68 23.90
CA HIS A 523 -59.12 -39.27 23.34
C HIS A 523 -59.29 -37.77 23.42
N ILE A 524 -59.95 -37.19 22.41
CA ILE A 524 -60.23 -35.76 22.38
C ILE A 524 -61.08 -35.39 23.58
N ALA A 525 -60.77 -34.27 24.22
CA ALA A 525 -61.58 -33.75 25.32
C ALA A 525 -62.30 -32.46 24.93
N GLU A 526 -61.54 -31.50 24.40
CA GLU A 526 -62.09 -30.26 23.87
C GLU A 526 -61.40 -29.92 22.55
N THR A 527 -62.02 -29.04 21.76
CA THR A 527 -61.37 -28.47 20.60
C THR A 527 -61.14 -26.99 20.89
N LEU A 528 -59.88 -26.57 20.90
CA LEU A 528 -59.57 -25.16 21.20
C LEU A 528 -59.71 -24.30 19.97
N ILE A 529 -59.21 -24.80 18.84
CA ILE A 529 -59.32 -24.09 17.58
C ILE A 529 -59.00 -25.00 16.40
N GLU A 530 -59.53 -24.67 15.23
CA GLU A 530 -59.19 -25.33 13.97
C GLU A 530 -59.17 -24.30 12.84
N SER A 531 -58.40 -24.59 11.80
CA SER A 531 -58.55 -23.85 10.54
C SER A 531 -58.95 -24.83 9.46
N SER A 532 -59.72 -24.35 8.49
CA SER A 532 -60.18 -25.16 7.36
C SER A 532 -60.96 -26.41 7.78
N SER A 533 -61.67 -26.33 8.91
CA SER A 533 -62.48 -27.45 9.39
C SER A 533 -63.96 -27.13 9.31
N PRO A 534 -64.75 -28.05 8.76
CA PRO A 534 -66.19 -27.80 8.72
C PRO A 534 -66.87 -28.20 10.04
N ALA A 535 -66.28 -29.13 10.77
CA ALA A 535 -66.83 -29.52 12.07
C ALA A 535 -65.74 -30.06 13.00
N ALA A 536 -65.79 -29.61 14.24
CA ALA A 536 -64.86 -30.08 15.26
C ALA A 536 -65.18 -31.54 15.57
N PRO A 537 -64.19 -32.28 16.09
CA PRO A 537 -64.49 -33.64 16.53
C PRO A 537 -65.43 -33.65 17.73
N ALA A 538 -65.93 -34.83 18.04
CA ALA A 538 -66.81 -35.04 19.19
C ALA A 538 -65.98 -35.35 20.42
N ALA A 539 -66.46 -34.90 21.58
CA ALA A 539 -65.83 -35.29 22.84
C ALA A 539 -65.74 -36.81 22.85
N GLY A 540 -64.55 -37.33 23.12
CA GLY A 540 -64.34 -38.76 23.09
C GLY A 540 -63.72 -39.30 21.81
N ALA A 541 -63.69 -38.48 20.76
CA ALA A 541 -63.16 -38.92 19.47
C ALA A 541 -61.79 -39.56 19.60
N ALA A 542 -61.60 -40.68 18.91
CA ALA A 542 -60.36 -41.43 18.99
C ALA A 542 -59.59 -41.35 17.67
N SER A 543 -60.11 -40.53 16.76
CA SER A 543 -59.45 -40.29 15.48
C SER A 543 -60.04 -39.04 14.85
N LEU A 544 -59.37 -38.51 13.82
CA LEU A 544 -59.78 -37.28 13.19
C LEU A 544 -59.88 -37.45 11.68
N GLU A 545 -60.84 -36.76 11.08
CA GLU A 545 -60.91 -36.64 9.63
C GLU A 545 -60.48 -35.24 9.31
N LEU A 546 -59.52 -35.13 8.40
CA LEU A 546 -58.91 -33.85 8.08
C LEU A 546 -59.18 -33.40 6.65
N GLN A 547 -59.59 -32.14 6.51
CA GLN A 547 -59.66 -31.49 5.22
C GLN A 547 -58.25 -31.14 4.74
N PRO A 548 -58.10 -30.79 3.45
CA PRO A 548 -56.85 -30.23 2.94
C PRO A 548 -56.33 -29.04 3.76
N TRP A 549 -55.09 -29.14 4.19
CA TRP A 549 -54.45 -28.09 4.98
C TRP A 549 -55.15 -27.72 6.30
N GLN A 550 -55.98 -28.62 6.82
CA GLN A 550 -56.62 -28.40 8.11
C GLN A 550 -55.57 -28.42 9.22
N SER A 551 -55.73 -27.56 10.22
CA SER A 551 -54.92 -27.59 11.43
C SER A 551 -55.88 -27.47 12.61
N GLY A 552 -55.43 -27.92 13.78
CA GLY A 552 -56.23 -27.80 14.98
C GLY A 552 -55.42 -28.03 16.25
N ILE A 553 -55.88 -27.44 17.34
CA ILE A 553 -55.31 -27.69 18.67
C ILE A 553 -56.39 -28.24 19.58
N TYR A 554 -56.13 -29.39 20.20
CA TYR A 554 -57.14 -30.05 21.03
C TYR A 554 -56.62 -30.40 22.41
N LYS A 555 -57.43 -30.17 23.44
CA LYS A 555 -57.10 -30.70 24.76
C LYS A 555 -57.59 -32.13 24.79
N VAL A 556 -56.74 -33.05 25.23
CA VAL A 556 -57.12 -34.45 25.30
C VAL A 556 -57.34 -34.92 26.73
N LYS A 557 -57.98 -36.08 26.85
CA LYS A 557 -58.07 -36.77 28.12
C LYS A 557 -57.36 -38.11 27.93
N LYS B 1 58.16 33.50 -0.92
CA LYS B 1 57.08 33.65 0.04
C LYS B 1 56.75 32.29 0.68
N PRO B 2 55.55 32.17 1.24
CA PRO B 2 55.07 30.85 1.63
C PRO B 2 54.95 29.97 0.37
N GLY B 3 55.05 28.65 0.55
CA GLY B 3 54.88 27.73 -0.55
C GLY B 3 53.41 27.46 -0.87
N ALA B 4 53.14 26.93 -2.06
CA ALA B 4 51.79 26.51 -2.40
C ALA B 4 51.60 25.15 -1.79
N PRO B 5 50.45 24.91 -1.15
CA PRO B 5 50.16 23.57 -0.63
C PRO B 5 50.29 22.54 -1.74
N TRP B 6 50.65 21.32 -1.38
CA TRP B 6 50.88 20.26 -2.36
C TRP B 6 49.71 20.05 -3.33
N TRP B 7 48.50 20.26 -2.83
CA TRP B 7 47.32 20.02 -3.65
C TRP B 7 47.06 21.08 -4.72
N LYS B 8 47.64 22.26 -4.57
CA LYS B 8 47.52 23.29 -5.61
C LYS B 8 48.42 23.01 -6.83
N SER B 9 49.46 22.21 -6.65
N SER B 9 49.46 22.21 -6.65
CA SER B 9 50.37 21.94 -7.76
CA SER B 9 50.40 21.93 -7.72
C SER B 9 50.34 20.49 -8.20
C SER B 9 50.30 20.49 -8.23
N ALA B 10 49.47 19.69 -7.59
CA ALA B 10 49.36 18.27 -7.92
C ALA B 10 48.55 18.01 -9.19
N VAL B 11 48.80 16.86 -9.81
CA VAL B 11 47.97 16.38 -10.90
C VAL B 11 47.25 15.15 -10.38
N PHE B 12 45.91 15.21 -10.36
CA PHE B 12 45.10 14.10 -9.88
C PHE B 12 44.60 13.18 -11.02
N TYR B 13 44.29 11.94 -10.69
CA TYR B 13 43.72 11.00 -11.64
C TYR B 13 42.53 10.33 -10.97
N GLN B 14 41.38 10.32 -11.64
CA GLN B 14 40.19 9.73 -11.06
C GLN B 14 40.04 8.28 -11.52
N VAL B 15 40.00 7.38 -10.56
CA VAL B 15 39.82 5.96 -10.83
C VAL B 15 38.45 5.53 -10.37
N TYR B 16 37.61 5.13 -11.33
CA TYR B 16 36.32 4.50 -11.08
C TYR B 16 36.55 3.00 -10.93
N PRO B 17 36.75 2.50 -9.68
CA PRO B 17 37.34 1.15 -9.57
C PRO B 17 36.50 0.02 -10.17
N ARG B 18 35.18 0.22 -10.23
CA ARG B 18 34.30 -0.73 -10.87
C ARG B 18 34.76 -1.08 -12.29
N SER B 19 35.28 -0.08 -13.02
CA SER B 19 35.67 -0.28 -14.42
C SER B 19 37.15 -0.05 -14.74
N PHE B 20 38.02 -0.21 -13.75
CA PHE B 20 39.45 -0.02 -13.99
C PHE B 20 40.16 -1.34 -14.32
N LYS B 21 40.15 -2.27 -13.37
CA LYS B 21 40.83 -3.55 -13.57
C LYS B 21 40.25 -4.61 -12.66
N ASP B 22 39.70 -5.65 -13.29
CA ASP B 22 39.20 -6.84 -12.61
C ASP B 22 40.32 -7.87 -12.51
N THR B 23 40.46 -8.49 -11.34
CA THR B 23 41.51 -9.49 -11.13
C THR B 23 40.99 -10.85 -10.69
N ASN B 24 39.68 -11.08 -10.82
CA ASN B 24 39.15 -12.39 -10.47
C ASN B 24 37.95 -12.85 -11.31
N GLY B 25 37.86 -12.36 -12.55
CA GLY B 25 36.89 -12.85 -13.52
C GLY B 25 35.40 -12.59 -13.32
N ASP B 26 35.03 -11.79 -12.33
CA ASP B 26 33.63 -11.54 -12.06
C ASP B 26 33.09 -10.39 -12.92
N GLY B 27 33.98 -9.80 -13.72
CA GLY B 27 33.60 -8.72 -14.62
C GLY B 27 33.55 -7.35 -13.99
N ILE B 28 33.94 -7.27 -12.71
CA ILE B 28 33.94 -6.02 -11.97
C ILE B 28 35.34 -5.69 -11.47
N GLY B 29 35.79 -4.46 -11.70
CA GLY B 29 37.11 -4.04 -11.27
C GLY B 29 37.26 -4.03 -9.75
N ASP B 30 38.50 -4.13 -9.27
CA ASP B 30 38.72 -4.31 -7.85
C ASP B 30 40.04 -3.71 -7.34
N PHE B 31 40.21 -3.72 -6.02
CA PHE B 31 41.38 -3.14 -5.38
C PHE B 31 42.70 -3.71 -5.84
N LYS B 32 42.80 -5.04 -5.87
CA LYS B 32 44.02 -5.69 -6.33
C LYS B 32 44.33 -5.25 -7.75
N GLY B 33 43.27 -4.99 -8.53
CA GLY B 33 43.42 -4.45 -9.86
C GLY B 33 44.03 -3.06 -9.90
N LEU B 34 43.50 -2.14 -9.08
CA LEU B 34 44.06 -0.80 -9.02
C LEU B 34 45.51 -0.84 -8.50
N THR B 35 45.76 -1.70 -7.54
CA THR B 35 47.08 -1.80 -6.93
C THR B 35 48.09 -2.35 -7.93
N GLU B 36 47.63 -3.28 -8.75
CA GLU B 36 48.47 -3.87 -9.77
CA GLU B 36 48.44 -3.89 -9.80
C GLU B 36 48.91 -2.85 -10.81
N LYS B 37 48.19 -1.73 -10.87
CA LYS B 37 48.39 -0.75 -11.92
C LYS B 37 49.01 0.56 -11.44
N LEU B 38 49.48 0.59 -10.20
CA LEU B 38 50.07 1.79 -9.65
C LEU B 38 51.29 2.24 -10.45
N ASP B 39 52.10 1.29 -10.89
CA ASP B 39 53.27 1.62 -11.69
C ASP B 39 52.89 2.34 -12.98
N TYR B 40 51.74 1.97 -13.54
CA TYR B 40 51.25 2.63 -14.74
C TYR B 40 50.94 4.08 -14.43
N LEU B 41 50.22 4.30 -13.34
CA LEU B 41 49.83 5.65 -12.98
C LEU B 41 51.02 6.51 -12.59
N LYS B 42 51.90 5.96 -11.76
CA LYS B 42 53.14 6.65 -11.41
C LYS B 42 53.95 7.01 -12.67
N GLY B 43 54.05 6.06 -13.60
CA GLY B 43 54.72 6.31 -14.87
C GLY B 43 54.14 7.46 -15.69
N LEU B 44 52.81 7.61 -15.63
CA LEU B 44 52.14 8.73 -16.28
C LEU B 44 52.50 10.07 -15.63
N GLY B 45 52.80 10.02 -14.33
CA GLY B 45 53.18 11.21 -13.59
C GLY B 45 52.12 11.65 -12.59
N ILE B 46 51.19 10.75 -12.28
CA ILE B 46 50.07 11.06 -11.39
C ILE B 46 50.53 11.25 -9.94
N ASP B 47 50.17 12.39 -9.33
CA ASP B 47 50.54 12.72 -7.95
C ASP B 47 49.58 12.13 -6.93
N ALA B 48 48.29 12.19 -7.26
CA ALA B 48 47.25 11.71 -6.36
C ALA B 48 46.10 11.06 -7.14
N ILE B 49 45.47 10.06 -6.52
CA ILE B 49 44.30 9.41 -7.10
C ILE B 49 43.04 9.75 -6.28
N TRP B 50 41.94 10.08 -6.96
CA TRP B 50 40.62 10.07 -6.30
C TRP B 50 39.88 8.81 -6.74
N ILE B 51 39.53 7.95 -5.79
CA ILE B 51 38.73 6.77 -6.10
C ILE B 51 37.27 6.99 -5.73
N ASN B 52 36.38 6.60 -6.64
CA ASN B 52 34.95 6.66 -6.37
C ASN B 52 34.60 5.72 -5.21
N PRO B 53 33.38 5.83 -4.63
CA PRO B 53 33.06 5.09 -3.41
C PRO B 53 33.46 3.62 -3.40
N HIS B 54 34.07 3.21 -2.29
CA HIS B 54 34.62 1.86 -2.15
C HIS B 54 34.09 1.20 -0.90
N TYR B 55 33.00 1.72 -0.34
CA TYR B 55 32.41 1.17 0.89
C TYR B 55 31.29 0.16 0.60
N ALA B 56 30.92 -0.60 1.63
CA ALA B 56 29.83 -1.59 1.54
C ALA B 56 28.56 -1.00 0.93
N SER B 57 27.99 -1.69 -0.07
CA SER B 57 26.95 -1.08 -0.88
C SER B 57 26.14 -2.14 -1.65
N PRO B 58 24.80 -2.03 -1.63
CA PRO B 58 23.97 -2.87 -2.50
C PRO B 58 24.17 -2.52 -3.97
N ASN B 59 24.81 -1.38 -4.23
CA ASN B 59 25.16 -0.97 -5.59
C ASN B 59 24.00 -0.65 -6.54
N THR B 60 22.94 -0.07 -6.00
CA THR B 60 21.86 0.45 -6.80
C THR B 60 22.37 1.67 -7.56
N ASP B 61 23.37 2.32 -6.99
CA ASP B 61 23.98 3.49 -7.63
C ASP B 61 25.52 3.39 -7.61
N ASN B 62 26.00 2.18 -7.87
CA ASN B 62 27.42 1.87 -7.99
C ASN B 62 28.37 2.45 -6.92
N GLY B 63 27.96 2.39 -5.65
CA GLY B 63 28.82 2.83 -4.56
C GLY B 63 28.22 3.99 -3.79
N TYR B 64 27.33 4.73 -4.44
CA TYR B 64 26.79 5.95 -3.84
C TYR B 64 25.56 5.66 -3.00
N ASP B 65 25.35 4.38 -2.70
CA ASP B 65 24.34 3.93 -1.74
C ASP B 65 25.02 3.04 -0.72
N ILE B 66 25.55 3.67 0.33
CA ILE B 66 26.42 3.00 1.28
C ILE B 66 25.63 2.43 2.44
N SER B 67 25.81 1.14 2.68
CA SER B 67 25.10 0.47 3.76
C SER B 67 25.96 0.30 5.01
N ASP B 68 27.25 0.62 4.91
CA ASP B 68 28.14 0.59 6.08
C ASP B 68 29.38 1.40 5.71
N TYR B 69 29.52 2.57 6.31
CA TYR B 69 30.61 3.48 5.96
C TYR B 69 32.00 2.99 6.41
N ARG B 70 32.05 1.93 7.20
CA ARG B 70 33.33 1.48 7.76
C ARG B 70 33.75 0.10 7.29
N GLU B 71 33.10 -0.41 6.25
CA GLU B 71 33.55 -1.66 5.62
C GLU B 71 33.80 -1.44 4.14
N VAL B 72 34.71 -2.24 3.58
CA VAL B 72 35.00 -2.19 2.15
C VAL B 72 33.91 -2.90 1.32
N MET B 73 33.62 -2.35 0.15
CA MET B 73 32.65 -2.97 -0.76
C MET B 73 33.14 -4.37 -1.07
N LYS B 74 32.27 -5.37 -0.98
CA LYS B 74 32.70 -6.75 -1.13
C LYS B 74 33.30 -7.03 -2.51
N GLU B 75 32.76 -6.35 -3.51
CA GLU B 75 33.23 -6.50 -4.88
C GLU B 75 34.70 -6.09 -5.02
N TYR B 76 35.13 -5.12 -4.23
CA TYR B 76 36.48 -4.57 -4.38
C TYR B 76 37.51 -5.35 -3.59
N GLY B 77 37.07 -5.99 -2.52
CA GLY B 77 37.94 -6.87 -1.76
C GLY B 77 37.76 -6.69 -0.27
N THR B 78 38.86 -6.81 0.47
CA THR B 78 38.79 -6.71 1.92
C THR B 78 39.48 -5.44 2.40
N MET B 79 39.29 -5.14 3.70
CA MET B 79 39.96 -4.02 4.33
C MET B 79 41.47 -4.17 4.16
N GLU B 80 41.93 -5.41 4.17
CA GLU B 80 43.34 -5.71 3.95
C GLU B 80 43.77 -5.22 2.57
N ASP B 81 42.97 -5.53 1.55
CA ASP B 81 43.26 -5.07 0.20
C ASP B 81 43.37 -3.56 0.14
N PHE B 82 42.46 -2.88 0.83
CA PHE B 82 42.48 -1.43 0.91
C PHE B 82 43.76 -0.92 1.58
N ASP B 83 44.22 -1.62 2.63
CA ASP B 83 45.40 -1.20 3.37
C ASP B 83 46.63 -1.38 2.52
N ARG B 84 46.61 -2.42 1.70
CA ARG B 84 47.71 -2.69 0.80
CA ARG B 84 47.72 -2.68 0.79
C ARG B 84 47.76 -1.59 -0.27
N LEU B 85 46.59 -1.19 -0.78
CA LEU B 85 46.52 -0.11 -1.76
C LEU B 85 47.16 1.17 -1.19
N MET B 86 46.82 1.47 0.06
CA MET B 86 47.39 2.63 0.76
C MET B 86 48.90 2.52 0.87
N ALA B 87 49.38 1.34 1.27
CA ALA B 87 50.80 1.11 1.48
C ALA B 87 51.58 1.22 0.18
N GLU B 88 50.98 0.74 -0.91
CA GLU B 88 51.67 0.71 -2.19
C GLU B 88 51.71 2.10 -2.83
N LEU B 89 50.72 2.92 -2.50
CA LEU B 89 50.69 4.29 -2.99
C LEU B 89 51.78 5.09 -2.26
N LYS B 90 51.79 4.95 -0.95
CA LYS B 90 52.81 5.61 -0.14
C LYS B 90 54.21 5.28 -0.62
N LYS B 91 54.48 4.01 -0.93
CA LYS B 91 55.80 3.62 -1.45
C LYS B 91 56.18 4.41 -2.70
N ARG B 92 55.19 4.75 -3.52
CA ARG B 92 55.46 5.52 -4.73
C ARG B 92 55.37 7.01 -4.47
N GLY B 93 55.16 7.36 -3.21
CA GLY B 93 54.97 8.75 -2.82
C GLY B 93 53.70 9.32 -3.43
N MET B 94 52.72 8.48 -3.64
N MET B 94 52.70 8.49 -3.62
CA MET B 94 51.42 8.97 -4.13
CA MET B 94 51.41 8.96 -4.16
C MET B 94 50.43 9.14 -2.97
C MET B 94 50.32 8.98 -3.08
N ARG B 95 49.36 9.90 -3.22
CA ARG B 95 48.34 10.11 -2.19
C ARG B 95 46.97 9.63 -2.64
N LEU B 96 46.10 9.34 -1.67
CA LEU B 96 44.76 8.86 -1.99
C LEU B 96 43.67 9.84 -1.54
N MET B 97 42.73 10.14 -2.44
CA MET B 97 41.55 10.89 -2.08
C MET B 97 40.37 9.93 -2.20
N VAL B 98 39.61 9.78 -1.12
CA VAL B 98 38.43 8.92 -1.14
C VAL B 98 37.17 9.75 -1.34
N ASP B 99 36.07 9.10 -1.72
CA ASP B 99 34.81 9.77 -1.98
C ASP B 99 33.99 9.69 -0.68
N VAL B 100 33.38 10.78 -0.28
CA VAL B 100 32.59 10.83 0.94
C VAL B 100 31.15 11.15 0.59
N VAL B 101 30.28 10.18 0.82
CA VAL B 101 28.87 10.27 0.39
C VAL B 101 27.95 10.33 1.60
N ILE B 102 27.68 11.55 2.06
CA ILE B 102 26.96 11.74 3.32
C ILE B 102 25.78 12.69 3.23
N ASN B 103 25.27 12.85 2.02
CA ASN B 103 23.99 13.52 1.83
C ASN B 103 22.89 12.49 2.08
N HIS B 104 23.22 11.23 1.83
CA HIS B 104 22.26 10.16 1.93
C HIS B 104 23.04 8.88 2.18
N SER B 105 22.37 7.90 2.76
CA SER B 105 22.92 6.54 2.90
C SER B 105 22.10 5.55 2.06
N SER B 106 22.47 4.27 2.09
CA SER B 106 21.64 3.22 1.53
C SER B 106 20.48 2.93 2.47
N ASP B 107 19.38 2.40 1.93
CA ASP B 107 18.25 2.04 2.78
C ASP B 107 18.56 0.74 3.54
N GLN B 108 19.67 0.12 3.18
CA GLN B 108 20.13 -1.08 3.88
C GLN B 108 21.10 -0.74 5.01
N HIS B 109 21.40 0.55 5.20
CA HIS B 109 22.24 0.94 6.35
C HIS B 109 21.49 0.66 7.64
N GLU B 110 22.18 0.20 8.67
CA GLU B 110 21.51 -0.14 9.92
C GLU B 110 20.78 1.05 10.54
N TRP B 111 21.24 2.26 10.24
CA TRP B 111 20.59 3.45 10.75
C TRP B 111 19.17 3.56 10.23
N PHE B 112 18.99 3.23 8.95
CA PHE B 112 17.71 3.43 8.29
C PHE B 112 16.72 2.34 8.63
N LYS B 113 17.22 1.11 8.76
CA LYS B 113 16.41 0.00 9.18
C LYS B 113 15.83 0.29 10.55
N SER B 114 16.64 0.90 11.41
CA SER B 114 16.22 1.27 12.74
C SER B 114 15.25 2.43 12.59
N SER B 115 15.67 3.44 11.85
CA SER B 115 14.87 4.65 11.64
C SER B 115 13.42 4.37 11.19
N ARG B 116 13.24 3.45 10.25
CA ARG B 116 11.91 3.22 9.63
C ARG B 116 11.00 2.29 10.42
N ALA B 117 11.50 1.75 11.53
CA ALA B 117 10.80 0.69 12.25
C ALA B 117 9.67 1.18 13.15
N SER B 118 9.77 2.42 13.61
CA SER B 118 8.75 3.00 14.49
C SER B 118 8.76 4.49 14.30
N LYS B 119 7.76 5.19 14.84
CA LYS B 119 7.79 6.64 14.85
C LYS B 119 8.65 7.15 16.00
N ASP B 120 8.92 6.27 16.97
CA ASP B 120 9.63 6.62 18.19
C ASP B 120 10.78 5.67 18.46
N ASN B 121 11.96 6.02 17.95
CA ASN B 121 13.17 5.25 18.17
C ASN B 121 14.33 6.23 18.05
N PRO B 122 15.50 5.88 18.60
CA PRO B 122 16.62 6.82 18.60
C PRO B 122 17.06 7.26 17.20
N TYR B 123 16.74 6.49 16.18
CA TYR B 123 17.24 6.76 14.84
C TYR B 123 16.25 7.42 13.89
N ARG B 124 15.05 7.71 14.39
CA ARG B 124 13.98 8.21 13.53
C ARG B 124 14.39 9.51 12.84
N ASP B 125 15.07 10.37 13.59
CA ASP B 125 15.45 11.67 13.03
CA ASP B 125 15.48 11.68 13.08
C ASP B 125 16.86 11.67 12.43
N TYR B 126 17.37 10.49 12.11
CA TYR B 126 18.57 10.44 11.27
C TYR B 126 18.16 10.72 9.82
N TYR B 127 16.86 10.65 9.54
CA TYR B 127 16.35 10.84 8.18
C TYR B 127 15.19 11.79 8.22
N PHE B 128 14.58 12.08 7.07
CA PHE B 128 13.40 12.95 7.05
C PHE B 128 12.12 12.16 6.85
N TRP B 129 11.32 12.07 7.91
CA TRP B 129 10.02 11.40 7.84
C TRP B 129 8.92 12.45 7.96
N ARG B 130 8.02 12.50 6.99
CA ARG B 130 6.94 13.49 7.02
C ARG B 130 5.59 12.88 6.67
N ASP B 131 4.54 13.53 7.16
CA ASP B 131 3.18 13.19 6.80
C ASP B 131 2.92 13.67 5.39
N GLY B 132 2.34 12.82 4.57
CA GLY B 132 1.84 13.25 3.27
C GLY B 132 0.78 14.32 3.43
N LYS B 133 0.39 14.94 2.32
CA LYS B 133 -0.59 16.01 2.36
C LYS B 133 -1.63 15.85 1.27
N ASP B 134 -2.89 16.07 1.61
CA ASP B 134 -4.00 16.01 0.65
C ASP B 134 -3.95 14.71 -0.17
N GLY B 135 -3.86 13.58 0.51
CA GLY B 135 -3.86 12.29 -0.15
C GLY B 135 -2.56 11.83 -0.82
N HIS B 136 -1.64 12.77 -1.04
CA HIS B 136 -0.37 12.46 -1.74
C HIS B 136 0.87 12.81 -0.91
N GLU B 137 1.97 13.11 -1.59
CA GLU B 137 3.26 13.39 -0.93
C GLU B 137 3.24 14.67 -0.08
N PRO B 138 4.22 14.81 0.83
CA PRO B 138 4.33 16.04 1.63
C PRO B 138 4.50 17.28 0.76
N ASN B 139 5.22 17.15 -0.36
CA ASN B 139 5.34 18.27 -1.29
C ASN B 139 5.71 17.83 -2.71
N ASN B 140 5.90 18.81 -3.59
CA ASN B 140 6.09 18.49 -5.01
C ASN B 140 7.51 18.06 -5.40
N TYR B 141 8.36 17.78 -4.42
CA TYR B 141 9.77 17.46 -4.66
C TYR B 141 10.04 16.35 -5.69
N PRO B 142 10.73 16.69 -6.77
CA PRO B 142 11.16 15.65 -7.72
C PRO B 142 12.52 15.01 -7.37
N SER B 143 12.68 13.75 -7.74
CA SER B 143 13.92 13.01 -7.53
C SER B 143 14.78 13.02 -8.79
N PHE B 144 16.10 13.15 -8.64
CA PHE B 144 17.04 13.07 -9.77
C PHE B 144 16.89 11.78 -10.58
N PHE B 145 16.46 10.71 -9.92
CA PHE B 145 16.42 9.40 -10.55
C PHE B 145 14.99 8.90 -10.86
N GLY B 146 14.05 9.83 -10.93
CA GLY B 146 12.73 9.54 -11.45
C GLY B 146 11.65 9.58 -10.41
N GLY B 147 10.52 10.19 -10.76
CA GLY B 147 9.37 10.24 -9.89
C GLY B 147 9.57 11.14 -8.69
N SER B 148 8.88 10.80 -7.61
CA SER B 148 8.84 11.64 -6.42
C SER B 148 10.08 11.44 -5.55
N ALA B 149 10.47 12.49 -4.84
CA ALA B 149 11.54 12.37 -3.85
C ALA B 149 11.00 11.88 -2.50
N TRP B 150 9.70 11.64 -2.42
CA TRP B 150 9.13 11.12 -1.17
C TRP B 150 8.61 9.69 -1.35
N GLU B 151 9.06 8.79 -0.49
CA GLU B 151 8.67 7.39 -0.56
C GLU B 151 7.91 6.95 0.72
N LYS B 152 6.68 6.48 0.56
CA LYS B 152 5.83 6.09 1.70
C LYS B 152 6.28 4.75 2.26
N ASP B 153 6.19 4.61 3.58
CA ASP B 153 6.49 3.35 4.26
C ASP B 153 5.23 2.95 5.02
N PRO B 154 4.70 1.75 4.74
CA PRO B 154 3.49 1.19 5.38
C PRO B 154 3.64 1.02 6.90
N VAL B 155 4.87 0.88 7.37
CA VAL B 155 5.11 0.69 8.79
C VAL B 155 4.59 1.84 9.64
N THR B 156 4.80 3.07 9.19
CA THR B 156 4.35 4.23 9.94
C THR B 156 3.40 5.14 9.16
N GLY B 157 3.24 4.86 7.87
CA GLY B 157 2.41 5.71 7.02
C GLY B 157 3.07 7.02 6.62
N GLN B 158 4.29 7.26 7.07
CA GLN B 158 4.97 8.50 6.71
C GLN B 158 5.90 8.32 5.50
N TYR B 159 6.23 9.42 4.84
CA TYR B 159 7.12 9.39 3.69
C TYR B 159 8.53 9.76 4.13
N TYR B 160 9.54 9.14 3.54
CA TYR B 160 10.93 9.53 3.78
C TYR B 160 11.50 10.23 2.53
N LEU B 161 12.45 11.15 2.74
CA LEU B 161 13.00 11.97 1.68
C LEU B 161 14.17 11.31 0.95
N HIS B 162 14.14 11.36 -0.39
CA HIS B 162 15.26 10.85 -1.17
C HIS B 162 15.46 11.69 -2.45
N TYR B 163 16.44 12.60 -2.40
CA TYR B 163 16.78 13.40 -3.58
C TYR B 163 17.23 12.49 -4.73
N PHE B 164 17.89 11.41 -4.37
CA PHE B 164 18.35 10.50 -5.41
C PHE B 164 17.47 9.26 -5.46
N GLY B 165 18.06 8.09 -5.52
CA GLY B 165 17.27 6.88 -5.63
C GLY B 165 16.40 6.60 -4.42
N ARG B 166 15.33 5.86 -4.68
CA ARG B 166 14.42 5.41 -3.64
CA ARG B 166 14.42 5.37 -3.64
C ARG B 166 15.21 4.70 -2.53
N GLN B 167 16.29 4.03 -2.91
CA GLN B 167 17.14 3.31 -1.97
C GLN B 167 18.33 4.15 -1.46
N GLN B 168 18.24 5.47 -1.62
CA GLN B 168 19.22 6.39 -1.03
C GLN B 168 18.52 7.49 -0.21
N PRO B 169 17.97 7.13 0.96
CA PRO B 169 17.32 8.14 1.80
C PRO B 169 18.28 9.21 2.29
N ASP B 170 17.86 10.46 2.29
CA ASP B 170 18.70 11.60 2.66
C ASP B 170 18.89 11.69 4.16
N LEU B 171 20.12 11.97 4.55
CA LEU B 171 20.48 12.03 5.97
C LEU B 171 20.08 13.38 6.55
N ASN B 172 19.61 13.38 7.79
CA ASN B 172 19.11 14.60 8.41
C ASN B 172 20.20 15.38 9.16
N TRP B 173 20.89 16.27 8.46
CA TRP B 173 21.96 17.10 9.04
C TRP B 173 21.47 18.03 10.14
N ASP B 174 20.16 18.23 10.25
CA ASP B 174 19.57 19.10 11.29
C ASP B 174 19.63 18.47 12.67
N THR B 175 19.96 17.18 12.73
CA THR B 175 20.03 16.42 13.97
C THR B 175 21.48 16.29 14.44
N PRO B 176 21.84 16.96 15.55
CA PRO B 176 23.23 16.98 16.02
C PRO B 176 23.86 15.61 16.22
N LYS B 177 23.07 14.64 16.68
CA LYS B 177 23.60 13.29 16.90
C LYS B 177 24.03 12.65 15.59
N LEU B 178 23.29 12.93 14.51
CA LEU B 178 23.66 12.42 13.20
C LEU B 178 24.95 13.07 12.72
N ARG B 179 25.06 14.39 12.85
CA ARG B 179 26.30 15.08 12.46
C ARG B 179 27.51 14.54 13.22
N GLU B 180 27.36 14.27 14.51
CA GLU B 180 28.44 13.67 15.28
C GLU B 180 28.85 12.29 14.76
N GLU B 181 27.89 11.49 14.29
CA GLU B 181 28.21 10.16 13.74
C GLU B 181 28.97 10.27 12.42
N LEU B 182 28.61 11.27 11.62
CA LEU B 182 29.31 11.48 10.36
C LEU B 182 30.74 11.91 10.64
N TYR B 183 30.93 12.79 11.61
CA TYR B 183 32.26 13.24 12.00
C TYR B 183 33.15 12.10 12.52
N ALA B 184 32.57 11.23 13.34
CA ALA B 184 33.28 10.04 13.81
C ALA B 184 33.68 9.15 12.65
N MET B 185 32.77 8.96 11.71
CA MET B 185 33.04 8.15 10.54
C MET B 185 34.16 8.74 9.66
N LEU B 186 34.16 10.06 9.48
CA LEU B 186 35.24 10.70 8.73
C LEU B 186 36.59 10.44 9.41
N ARG B 187 36.62 10.53 10.75
CA ARG B 187 37.86 10.28 11.48
C ARG B 187 38.40 8.85 11.30
N PHE B 188 37.48 7.90 11.18
CA PHE B 188 37.85 6.50 10.99
C PHE B 188 38.71 6.33 9.74
N TRP B 189 38.35 7.00 8.66
CA TRP B 189 39.17 6.90 7.44
C TRP B 189 40.41 7.77 7.52
N LEU B 190 40.27 8.95 8.11
CA LEU B 190 41.39 9.88 8.24
C LEU B 190 42.49 9.30 9.14
N ASP B 191 42.10 8.57 10.18
CA ASP B 191 43.10 8.01 11.08
C ASP B 191 43.90 6.92 10.35
N LYS B 192 43.38 6.45 9.22
CA LYS B 192 44.06 5.44 8.43
C LYS B 192 45.12 6.06 7.51
N GLY B 193 45.12 7.38 7.45
CA GLY B 193 46.10 8.13 6.68
C GLY B 193 45.64 8.63 5.33
N VAL B 194 44.33 8.58 5.08
CA VAL B 194 43.74 9.12 3.86
C VAL B 194 44.15 10.59 3.70
N SER B 195 44.56 10.97 2.49
CA SER B 195 45.14 12.29 2.23
C SER B 195 44.14 13.33 1.70
N GLY B 196 43.00 12.86 1.20
CA GLY B 196 42.03 13.78 0.63
C GLY B 196 40.63 13.20 0.68
N MET B 197 39.63 14.08 0.67
CA MET B 197 38.24 13.64 0.63
C MET B 197 37.44 14.48 -0.37
N ARG B 198 36.74 13.80 -1.26
CA ARG B 198 35.85 14.47 -2.19
C ARG B 198 34.45 14.34 -1.62
N PHE B 199 33.75 15.47 -1.48
CA PHE B 199 32.41 15.46 -0.93
C PHE B 199 31.30 15.43 -1.99
N ASP B 200 30.70 14.27 -2.14
CA ASP B 200 29.56 14.06 -3.02
C ASP B 200 28.37 15.02 -2.78
N THR B 201 27.90 15.69 -3.84
CA THR B 201 26.77 16.64 -3.77
C THR B 201 26.75 17.45 -2.46
N VAL B 202 27.83 18.19 -2.22
CA VAL B 202 28.09 18.80 -0.94
C VAL B 202 27.12 19.94 -0.63
N ALA B 203 26.49 20.50 -1.66
CA ALA B 203 25.62 21.67 -1.46
C ALA B 203 24.18 21.34 -1.09
N THR B 204 23.83 20.06 -1.07
CA THR B 204 22.46 19.67 -0.77
C THR B 204 22.22 19.19 0.67
N TYR B 205 23.21 19.35 1.54
CA TYR B 205 23.12 18.81 2.90
C TYR B 205 21.99 19.45 3.70
N SER B 206 21.83 20.77 3.56
CA SER B 206 20.80 21.48 4.31
C SER B 206 19.45 21.51 3.59
N LYS B 207 18.41 21.08 4.29
CA LYS B 207 17.08 21.03 3.69
C LYS B 207 16.32 22.27 4.12
N THR B 208 15.36 22.69 3.31
CA THR B 208 14.55 23.86 3.62
C THR B 208 13.54 23.51 4.72
N PRO B 209 13.53 24.28 5.81
CA PRO B 209 12.57 23.95 6.87
C PRO B 209 11.13 24.14 6.39
N GLY B 210 10.25 23.22 6.78
CA GLY B 210 8.86 23.31 6.39
C GLY B 210 8.59 22.59 5.09
N PHE B 211 9.65 22.34 4.34
CA PHE B 211 9.52 21.69 3.04
C PHE B 211 8.39 22.28 2.21
N PRO B 212 8.41 23.59 1.95
CA PRO B 212 7.36 24.13 1.08
C PRO B 212 7.49 23.59 -0.35
N ASP B 213 6.44 23.73 -1.14
CA ASP B 213 6.48 23.33 -2.54
C ASP B 213 7.39 24.24 -3.33
N LEU B 214 8.07 23.65 -4.30
CA LEU B 214 8.87 24.43 -5.22
C LEU B 214 7.95 25.20 -6.17
N THR B 215 8.33 26.43 -6.49
CA THR B 215 7.61 27.23 -7.48
C THR B 215 7.83 26.61 -8.86
N PRO B 216 6.90 26.88 -9.80
CA PRO B 216 7.09 26.31 -11.14
C PRO B 216 8.45 26.68 -11.73
N GLU B 217 8.95 27.88 -11.40
CA GLU B 217 10.28 28.29 -11.85
C GLU B 217 11.34 27.39 -11.25
N GLN B 218 11.32 27.25 -9.92
CA GLN B 218 12.25 26.36 -9.21
C GLN B 218 12.11 24.94 -9.72
N MET B 219 10.88 24.59 -10.09
CA MET B 219 10.57 23.24 -10.53
C MET B 219 11.34 22.88 -11.78
N LYS B 220 11.67 23.89 -12.59
CA LYS B 220 12.34 23.67 -13.87
C LYS B 220 13.85 23.52 -13.69
N ASN B 221 14.32 23.85 -12.50
CA ASN B 221 15.73 23.65 -12.17
C ASN B 221 15.80 23.33 -10.70
N PHE B 222 15.35 22.14 -10.34
CA PHE B 222 15.23 21.80 -8.93
C PHE B 222 16.59 21.57 -8.29
N ALA B 223 17.54 21.09 -9.09
CA ALA B 223 18.89 20.78 -8.60
C ALA B 223 19.48 21.98 -7.89
N GLU B 224 19.12 23.16 -8.36
CA GLU B 224 19.62 24.37 -7.73
C GLU B 224 18.89 24.62 -6.43
N ALA B 225 17.58 24.43 -6.44
CA ALA B 225 16.75 24.75 -5.27
C ALA B 225 17.22 23.93 -4.07
N TYR B 226 17.69 22.73 -4.34
CA TYR B 226 18.14 21.86 -3.29
C TYR B 226 19.49 22.29 -2.70
N THR B 227 20.16 23.25 -3.33
CA THR B 227 21.43 23.75 -2.82
C THR B 227 21.22 25.00 -1.95
N GLN B 228 19.96 25.36 -1.70
CA GLN B 228 19.70 26.61 -1.00
C GLN B 228 19.24 26.44 0.46
N GLY B 229 19.66 25.35 1.11
CA GLY B 229 19.36 25.17 2.51
C GLY B 229 19.99 26.26 3.36
N PRO B 230 19.23 26.80 4.33
CA PRO B 230 19.66 27.96 5.12
C PRO B 230 20.78 27.69 6.11
N ASN B 231 21.02 26.43 6.44
CA ASN B 231 22.08 26.08 7.39
C ASN B 231 23.32 25.43 6.74
N LEU B 232 23.39 25.45 5.43
CA LEU B 232 24.49 24.78 4.71
C LEU B 232 25.88 25.16 5.23
N HIS B 233 26.21 26.45 5.25
CA HIS B 233 27.58 26.83 5.59
C HIS B 233 27.88 26.69 7.07
N ARG B 234 26.83 26.78 7.87
CA ARG B 234 26.94 26.49 9.29
CA ARG B 234 26.94 26.49 9.30
C ARG B 234 27.44 25.07 9.49
N TYR B 235 26.81 24.12 8.79
CA TYR B 235 27.18 22.71 8.86
C TYR B 235 28.59 22.40 8.32
N LEU B 236 28.99 23.06 7.24
CA LEU B 236 30.32 22.81 6.67
C LEU B 236 31.41 23.42 7.54
N GLN B 237 31.11 24.58 8.13
CA GLN B 237 32.05 25.20 9.05
C GLN B 237 32.23 24.35 10.30
N GLU B 238 31.16 23.69 10.73
CA GLU B 238 31.23 22.82 11.92
C GLU B 238 32.00 21.54 11.64
N MET B 239 31.82 20.99 10.45
CA MET B 239 32.60 19.82 10.02
C MET B 239 34.09 20.14 9.93
N HIS B 240 34.42 21.34 9.46
CA HIS B 240 35.81 21.76 9.36
C HIS B 240 36.42 21.91 10.75
N GLU B 241 35.66 22.46 11.68
CA GLU B 241 36.16 22.73 13.02
C GLU B 241 36.30 21.43 13.81
N LYS B 242 35.35 20.54 13.64
CA LYS B 242 35.35 19.28 14.40
C LYS B 242 36.20 18.18 13.79
N VAL B 243 36.53 18.29 12.51
CA VAL B 243 37.28 17.25 11.83
C VAL B 243 38.59 17.75 11.18
N PHE B 244 38.47 18.51 10.09
CA PHE B 244 39.63 18.77 9.23
C PHE B 244 40.64 19.74 9.81
N ASP B 245 40.21 20.48 10.83
CA ASP B 245 41.09 21.29 11.61
C ASP B 245 42.14 20.43 12.31
N HIS B 246 41.85 19.14 12.47
CA HIS B 246 42.71 18.25 13.23
C HIS B 246 43.57 17.34 12.36
N TYR B 247 43.42 17.47 11.06
CA TYR B 247 44.18 16.65 10.12
C TYR B 247 44.78 17.58 9.10
N ASP B 248 45.51 17.04 8.14
CA ASP B 248 45.97 17.90 7.05
C ASP B 248 45.61 17.32 5.69
N ALA B 249 44.45 16.67 5.62
CA ALA B 249 43.89 16.20 4.36
C ALA B 249 43.27 17.34 3.59
N VAL B 250 43.28 17.26 2.26
CA VAL B 250 42.65 18.27 1.42
C VAL B 250 41.17 17.89 1.19
N THR B 251 40.30 18.88 1.14
CA THR B 251 38.88 18.61 0.91
C THR B 251 38.39 19.24 -0.40
N ALA B 252 37.58 18.48 -1.14
CA ALA B 252 37.09 18.92 -2.44
C ALA B 252 35.59 18.68 -2.55
N GLY B 253 34.85 19.78 -2.65
CA GLY B 253 33.40 19.70 -2.72
C GLY B 253 32.90 19.58 -4.15
N GLU B 254 32.04 18.59 -4.37
CA GLU B 254 31.26 18.52 -5.60
C GLU B 254 30.08 19.45 -5.41
N ILE B 255 30.20 20.67 -5.91
CA ILE B 255 29.16 21.67 -5.72
C ILE B 255 28.14 21.62 -6.86
N PHE B 256 27.50 20.46 -7.03
CA PHE B 256 26.53 20.33 -8.12
C PHE B 256 25.24 21.08 -7.88
N GLY B 257 24.91 21.95 -8.83
CA GLY B 257 23.61 22.61 -8.84
C GLY B 257 23.63 24.03 -8.34
N ALA B 258 24.68 24.41 -7.61
CA ALA B 258 24.73 25.75 -7.04
C ALA B 258 25.02 26.84 -8.07
N PRO B 259 24.41 28.02 -7.89
CA PRO B 259 24.75 29.19 -8.69
C PRO B 259 26.22 29.55 -8.44
N LEU B 260 26.93 29.79 -9.53
CA LEU B 260 28.37 30.02 -9.49
C LEU B 260 28.77 31.08 -8.48
N ASN B 261 27.92 32.10 -8.32
CA ASN B 261 28.24 33.24 -7.46
C ASN B 261 28.33 32.86 -5.98
N GLN B 262 27.85 31.66 -5.64
CA GLN B 262 27.84 31.19 -4.27
C GLN B 262 29.04 30.31 -3.94
N VAL B 263 29.75 29.89 -4.98
CA VAL B 263 30.93 29.08 -4.81
C VAL B 263 31.98 29.64 -3.84
N PRO B 264 32.20 30.96 -3.81
CA PRO B 264 33.27 31.40 -2.91
C PRO B 264 32.96 31.13 -1.43
N LEU B 265 31.69 30.93 -1.11
CA LEU B 265 31.29 30.62 0.26
C LEU B 265 31.82 29.24 0.65
N PHE B 266 32.07 28.39 -0.34
CA PHE B 266 32.56 27.06 -0.05
C PHE B 266 34.09 26.99 0.05
N ILE B 267 34.81 27.78 -0.75
CA ILE B 267 36.24 27.54 -0.98
C ILE B 267 37.19 28.62 -0.48
N ASP B 268 36.65 29.79 -0.17
CA ASP B 268 37.47 30.86 0.41
C ASP B 268 38.16 30.31 1.64
N SER B 269 39.49 30.25 1.58
CA SER B 269 40.27 29.67 2.66
C SER B 269 39.98 30.30 4.01
N ARG B 270 39.63 31.59 4.02
CA ARG B 270 39.35 32.27 5.28
C ARG B 270 38.07 31.82 6.00
N ARG B 271 37.11 31.27 5.25
CA ARG B 271 35.80 30.87 5.80
C ARG B 271 35.92 29.53 6.48
N LYS B 272 37.04 28.86 6.27
CA LYS B 272 37.30 27.54 6.85
C LYS B 272 36.16 26.56 6.60
N GLU B 273 35.84 26.37 5.32
CA GLU B 273 34.91 25.34 4.93
C GLU B 273 35.69 24.30 4.12
N LEU B 274 35.71 24.41 2.80
CA LEU B 274 36.43 23.45 1.97
C LEU B 274 37.66 24.05 1.30
N ASP B 275 38.60 23.20 0.87
CA ASP B 275 39.80 23.66 0.16
C ASP B 275 39.59 23.92 -1.35
N MET B 276 38.96 22.97 -2.05
CA MET B 276 38.82 23.06 -3.50
C MET B 276 37.39 22.79 -3.94
N ALA B 277 37.02 23.26 -5.12
CA ALA B 277 35.68 22.99 -5.67
C ALA B 277 35.67 22.26 -7.01
N PHE B 278 34.76 21.29 -7.12
CA PHE B 278 34.33 20.77 -8.41
C PHE B 278 33.09 21.54 -8.82
N THR B 279 33.21 22.40 -9.84
CA THR B 279 32.02 23.07 -10.38
C THR B 279 31.54 22.40 -11.65
N PHE B 280 30.36 22.79 -12.12
CA PHE B 280 29.75 22.10 -13.25
C PHE B 280 29.21 23.02 -14.30
N ASP B 281 29.60 24.28 -14.19
CA ASP B 281 29.20 25.26 -15.17
C ASP B 281 29.81 24.90 -16.51
N LEU B 282 31.08 24.49 -16.52
CA LEU B 282 31.75 24.10 -17.76
C LEU B 282 31.26 22.76 -18.33
N ILE B 283 31.26 21.71 -17.52
CA ILE B 283 30.97 20.39 -18.07
C ILE B 283 29.51 20.24 -18.51
N ARG B 284 28.65 21.08 -17.96
CA ARG B 284 27.24 21.09 -18.30
C ARG B 284 26.88 22.34 -19.12
N TYR B 285 27.88 23.04 -19.64
CA TYR B 285 27.66 24.28 -20.40
C TYR B 285 26.81 24.08 -21.66
N ASP B 286 26.68 22.84 -22.12
CA ASP B 286 25.82 22.56 -23.26
C ASP B 286 24.72 21.54 -22.93
N ARG B 287 24.35 21.46 -21.66
CA ARG B 287 23.25 20.58 -21.27
C ARG B 287 21.98 21.38 -21.04
N ALA B 288 20.85 20.88 -21.55
CA ALA B 288 19.56 21.51 -21.29
C ALA B 288 19.20 21.44 -19.80
N LEU B 289 18.18 22.19 -19.40
CA LEU B 289 17.73 22.19 -18.01
C LEU B 289 17.24 20.82 -17.56
N ASP B 290 16.79 20.00 -18.52
CA ASP B 290 16.26 18.68 -18.20
C ASP B 290 17.36 17.64 -17.98
N ARG B 291 18.59 18.06 -18.24
CA ARG B 291 19.80 17.26 -17.99
C ARG B 291 20.06 16.13 -18.97
N TRP B 292 19.20 15.97 -19.99
CA TRP B 292 19.45 14.94 -21.00
C TRP B 292 19.52 15.45 -22.45
N HIS B 293 18.92 16.60 -22.73
CA HIS B 293 19.08 17.21 -24.04
C HIS B 293 20.38 18.00 -24.12
N THR B 294 20.81 18.26 -25.35
CA THR B 294 21.99 19.08 -25.60
C THR B 294 21.52 20.42 -26.14
N ILE B 295 22.32 21.46 -25.91
CA ILE B 295 22.14 22.75 -26.57
C ILE B 295 23.46 23.10 -27.24
N PRO B 296 23.42 23.49 -28.52
CA PRO B 296 24.65 23.89 -29.24
C PRO B 296 25.36 25.10 -28.61
N ARG B 297 26.67 24.97 -28.41
CA ARG B 297 27.50 26.07 -27.93
C ARG B 297 28.76 26.17 -28.79
N THR B 298 29.54 27.22 -28.58
CA THR B 298 30.81 27.38 -29.29
C THR B 298 31.97 27.53 -28.31
N LEU B 299 33.19 27.59 -28.85
CA LEU B 299 34.37 27.82 -28.04
C LEU B 299 34.22 29.12 -27.25
N ALA B 300 33.49 30.07 -27.81
CA ALA B 300 33.26 31.33 -27.12
C ALA B 300 32.55 31.11 -25.78
N ASP B 301 31.52 30.25 -25.78
CA ASP B 301 30.81 29.88 -24.56
C ASP B 301 31.72 29.08 -23.62
N PHE B 302 32.56 28.24 -24.22
CA PHE B 302 33.48 27.39 -23.47
C PHE B 302 34.45 28.25 -22.66
N ARG B 303 35.12 29.19 -23.33
CA ARG B 303 36.12 30.03 -22.68
C ARG B 303 35.52 31.03 -21.69
N GLN B 304 34.38 31.63 -22.02
CA GLN B 304 33.73 32.59 -21.13
C GLN B 304 33.32 31.94 -19.81
N THR B 305 32.86 30.69 -19.87
CA THR B 305 32.52 29.95 -18.66
C THR B 305 33.78 29.70 -17.80
N ILE B 306 34.86 29.23 -18.43
CA ILE B 306 36.12 29.02 -17.73
C ILE B 306 36.56 30.31 -17.07
N ASP B 307 36.40 31.42 -17.79
CA ASP B 307 36.84 32.72 -17.26
C ASP B 307 36.02 33.07 -16.03
N LYS B 308 34.70 32.94 -16.16
CA LYS B 308 33.80 33.25 -15.04
C LYS B 308 34.11 32.42 -13.81
N VAL B 309 34.39 31.14 -14.02
CA VAL B 309 34.69 30.23 -12.92
C VAL B 309 36.03 30.56 -12.26
N ASP B 310 37.06 30.75 -13.08
CA ASP B 310 38.37 31.13 -12.58
C ASP B 310 38.31 32.40 -11.76
N ALA B 311 37.52 33.37 -12.21
CA ALA B 311 37.35 34.61 -11.47
C ALA B 311 36.67 34.39 -10.12
N ILE B 312 35.79 33.40 -10.05
CA ILE B 312 35.09 33.10 -8.80
C ILE B 312 36.06 32.61 -7.70
N ALA B 313 37.18 32.04 -8.10
CA ALA B 313 38.16 31.56 -7.13
C ALA B 313 38.83 32.73 -6.42
N GLY B 314 39.10 33.80 -7.18
CA GLY B 314 39.65 35.00 -6.59
C GLY B 314 40.99 34.70 -5.94
N GLU B 315 41.25 35.35 -4.82
CA GLU B 315 42.56 35.32 -4.19
C GLU B 315 42.73 34.21 -3.16
N TYR B 316 41.64 33.87 -2.46
CA TYR B 316 41.73 32.91 -1.36
C TYR B 316 41.07 31.57 -1.67
N GLY B 317 40.41 31.46 -2.81
CA GLY B 317 39.75 30.21 -3.18
C GLY B 317 40.60 29.39 -4.15
N TRP B 318 40.18 28.17 -4.44
CA TRP B 318 40.91 27.32 -5.38
C TRP B 318 39.98 26.37 -6.12
N ASN B 319 40.18 26.23 -7.43
CA ASN B 319 39.36 25.34 -8.26
C ASN B 319 40.07 24.07 -8.64
N THR B 320 39.29 23.02 -8.85
CA THR B 320 39.78 21.87 -9.58
C THR B 320 39.51 22.19 -11.04
N PHE B 321 40.12 21.46 -11.96
CA PHE B 321 39.75 21.52 -13.37
C PHE B 321 39.63 20.13 -13.94
N PHE B 322 38.57 19.88 -14.70
CA PHE B 322 38.35 18.55 -15.24
C PHE B 322 37.48 18.67 -16.49
N LEU B 323 37.70 17.78 -17.46
CA LEU B 323 36.87 17.77 -18.66
C LEU B 323 35.99 16.54 -18.68
N GLY B 324 36.22 15.64 -17.73
CA GLY B 324 35.47 14.40 -17.67
C GLY B 324 35.38 13.84 -16.27
N ASN B 325 34.34 13.05 -16.04
CA ASN B 325 34.26 12.22 -14.83
C ASN B 325 33.27 11.08 -15.00
N HIS B 326 32.83 10.49 -13.91
CA HIS B 326 32.03 9.28 -13.97
C HIS B 326 30.54 9.58 -14.23
N ASP B 327 30.20 10.87 -14.30
CA ASP B 327 28.80 11.28 -14.44
C ASP B 327 28.55 11.99 -15.76
N ASN B 328 29.52 11.94 -16.67
CA ASN B 328 29.49 12.76 -17.87
C ASN B 328 30.05 12.03 -19.08
N PRO B 329 29.68 12.47 -20.30
CA PRO B 329 30.18 11.82 -21.51
C PRO B 329 31.69 12.03 -21.65
N ARG B 330 32.35 11.18 -22.45
CA ARG B 330 33.82 11.21 -22.56
C ARG B 330 34.27 12.56 -23.10
N ALA B 331 35.39 13.05 -22.57
CA ALA B 331 35.91 14.37 -22.92
C ALA B 331 36.18 14.58 -24.41
N VAL B 332 36.75 13.59 -25.09
CA VAL B 332 37.05 13.82 -26.50
C VAL B 332 35.78 13.86 -27.36
N SER B 333 34.78 13.05 -27.00
CA SER B 333 33.52 13.07 -27.76
C SER B 333 32.79 14.37 -27.49
N HIS B 334 32.83 14.82 -26.23
CA HIS B 334 32.03 15.95 -25.76
C HIS B 334 32.60 17.29 -26.20
N PHE B 335 33.87 17.54 -25.92
CA PHE B 335 34.50 18.82 -26.23
C PHE B 335 35.39 18.78 -27.47
N GLY B 336 35.81 17.59 -27.89
CA GLY B 336 36.72 17.48 -29.03
C GLY B 336 36.00 17.01 -30.28
N ASP B 337 36.69 16.20 -31.09
CA ASP B 337 36.08 15.60 -32.30
C ASP B 337 36.47 14.14 -32.33
N ASP B 338 35.53 13.25 -32.00
CA ASP B 338 35.88 11.83 -31.90
C ASP B 338 35.85 11.01 -33.20
N ARG B 339 35.67 11.68 -34.34
CA ARG B 339 35.75 10.97 -35.63
C ARG B 339 37.17 10.42 -35.79
N PRO B 340 37.31 9.27 -36.46
CA PRO B 340 38.59 8.59 -36.64
C PRO B 340 39.72 9.53 -37.07
N GLN B 341 39.47 10.39 -38.05
CA GLN B 341 40.56 11.24 -38.51
C GLN B 341 40.94 12.37 -37.55
N TRP B 342 40.07 12.66 -36.56
CA TRP B 342 40.29 13.79 -35.65
C TRP B 342 40.45 13.42 -34.17
N ARG B 343 40.17 12.17 -33.81
CA ARG B 343 40.12 11.77 -32.41
C ARG B 343 41.45 12.02 -31.66
N GLU B 344 42.55 11.51 -32.20
CA GLU B 344 43.86 11.68 -31.58
C GLU B 344 44.24 13.15 -31.45
N ALA B 345 44.12 13.89 -32.54
CA ALA B 345 44.52 15.29 -32.54
C ALA B 345 43.65 16.13 -31.59
N SER B 346 42.34 15.88 -31.58
CA SER B 346 41.49 16.68 -30.71
C SER B 346 41.76 16.34 -29.23
N ALA B 347 42.03 15.06 -28.97
CA ALA B 347 42.26 14.60 -27.61
C ALA B 347 43.55 15.20 -27.05
N LYS B 348 44.55 15.38 -27.91
CA LYS B 348 45.79 16.00 -27.50
C LYS B 348 45.53 17.47 -27.22
N ALA B 349 44.71 18.09 -28.04
CA ALA B 349 44.42 19.50 -27.85
C ALA B 349 43.72 19.69 -26.49
N LEU B 350 42.82 18.78 -26.13
CA LEU B 350 42.13 18.87 -24.86
C LEU B 350 43.08 18.67 -23.65
N ALA B 351 44.08 17.82 -23.82
CA ALA B 351 45.08 17.57 -22.79
C ALA B 351 45.84 18.85 -22.48
N THR B 352 46.21 19.56 -23.54
CA THR B 352 46.91 20.82 -23.42
C THR B 352 46.11 21.82 -22.59
N VAL B 353 44.83 21.93 -22.92
CA VAL B 353 43.92 22.77 -22.12
C VAL B 353 43.87 22.34 -20.64
N THR B 354 43.65 21.04 -20.40
CA THR B 354 43.46 20.50 -19.06
C THR B 354 44.66 20.79 -18.16
N LEU B 355 45.86 20.68 -18.72
CA LEU B 355 47.05 20.68 -17.90
C LEU B 355 47.75 22.05 -17.88
N THR B 356 47.09 23.05 -18.45
CA THR B 356 47.58 24.41 -18.38
C THR B 356 46.53 25.32 -17.76
N GLN B 357 45.47 24.73 -17.23
CA GLN B 357 44.45 25.53 -16.55
C GLN B 357 44.91 25.93 -15.14
N ARG B 358 44.41 27.06 -14.66
CA ARG B 358 44.66 27.50 -13.30
C ARG B 358 43.76 26.71 -12.34
N GLY B 359 44.37 25.91 -11.48
CA GLY B 359 43.62 25.06 -10.58
C GLY B 359 44.24 23.68 -10.54
N THR B 360 43.60 22.75 -9.83
CA THR B 360 44.15 21.40 -9.72
C THR B 360 43.48 20.47 -10.71
N PRO B 361 44.24 20.01 -11.72
CA PRO B 361 43.59 19.21 -12.77
C PRO B 361 43.27 17.81 -12.30
N PHE B 362 42.13 17.28 -12.75
CA PHE B 362 41.78 15.88 -12.56
C PHE B 362 41.66 15.21 -13.93
N ILE B 363 42.46 14.17 -14.15
CA ILE B 363 42.34 13.40 -15.38
C ILE B 363 41.47 12.17 -15.11
N PHE B 364 40.39 12.02 -15.86
CA PHE B 364 39.52 10.86 -15.69
C PHE B 364 40.05 9.65 -16.44
N GLN B 365 40.01 8.47 -15.80
CA GLN B 365 40.61 7.27 -16.37
C GLN B 365 40.21 6.97 -17.83
N GLY B 366 41.22 6.82 -18.67
CA GLY B 366 40.99 6.47 -20.06
C GLY B 366 41.10 7.67 -20.98
N ASP B 367 40.92 8.86 -20.44
CA ASP B 367 41.03 10.02 -21.28
C ASP B 367 42.46 10.22 -21.74
N GLU B 368 43.43 9.69 -20.98
CA GLU B 368 44.84 9.78 -21.39
C GLU B 368 45.10 8.90 -22.59
N LEU B 369 44.12 8.07 -22.95
CA LEU B 369 44.23 7.19 -24.11
C LEU B 369 43.43 7.69 -25.30
N GLY B 370 42.57 8.68 -25.06
CA GLY B 370 41.65 9.14 -26.08
C GLY B 370 40.40 8.26 -26.17
N MET B 371 39.96 7.70 -25.05
CA MET B 371 38.74 6.88 -25.07
C MET B 371 37.51 7.74 -25.43
N THR B 372 36.57 7.12 -26.13
CA THR B 372 35.43 7.85 -26.64
C THR B 372 34.13 7.34 -26.00
N ASN B 373 33.04 8.02 -26.34
CA ASN B 373 31.70 7.54 -26.01
C ASN B 373 31.46 6.15 -26.57
N TYR B 374 30.43 5.50 -26.07
CA TYR B 374 30.14 4.14 -26.46
C TYR B 374 28.93 4.13 -27.39
N PRO B 375 29.00 3.35 -28.47
CA PRO B 375 27.89 3.29 -29.44
C PRO B 375 26.71 2.47 -28.93
N PHE B 376 25.91 3.05 -28.03
CA PHE B 376 24.72 2.38 -27.52
C PHE B 376 23.74 2.23 -28.68
N LYS B 377 23.04 1.09 -28.72
CA LYS B 377 22.06 0.81 -29.79
C LYS B 377 20.62 0.75 -29.27
N THR B 378 20.43 0.12 -28.11
CA THR B 378 19.13 0.10 -27.47
C THR B 378 19.23 0.66 -26.06
N LEU B 379 18.11 1.11 -25.53
CA LEU B 379 18.04 1.60 -24.16
C LEU B 379 18.46 0.55 -23.14
N GLN B 380 18.33 -0.73 -23.51
CA GLN B 380 18.70 -1.80 -22.60
C GLN B 380 20.23 -1.89 -22.47
N ASP B 381 20.93 -1.16 -23.33
CA ASP B 381 22.39 -1.13 -23.31
C ASP B 381 22.93 -0.25 -22.19
N PHE B 382 22.06 0.51 -21.51
CA PHE B 382 22.48 1.33 -20.37
C PHE B 382 22.26 0.62 -19.05
N ASP B 383 23.27 0.67 -18.20
CA ASP B 383 23.13 0.23 -16.82
C ASP B 383 22.52 1.35 -16.01
N ASP B 384 22.82 2.58 -16.40
CA ASP B 384 22.54 3.73 -15.53
C ASP B 384 21.10 3.90 -15.08
N ILE B 385 20.92 3.97 -13.77
CA ILE B 385 19.62 4.23 -13.16
C ILE B 385 19.09 5.62 -13.45
N GLU B 386 19.97 6.56 -13.80
CA GLU B 386 19.50 7.89 -14.18
C GLU B 386 18.72 7.81 -15.51
N VAL B 387 19.12 6.88 -16.37
CA VAL B 387 18.44 6.67 -17.66
C VAL B 387 17.04 6.06 -17.49
N LYS B 388 16.93 5.06 -16.62
CA LYS B 388 15.64 4.47 -16.29
C LYS B 388 14.73 5.55 -15.71
N GLY B 389 15.31 6.48 -14.97
CA GLY B 389 14.59 7.62 -14.44
C GLY B 389 14.09 8.60 -15.50
N PHE B 390 14.90 8.80 -16.54
CA PHE B 390 14.49 9.65 -17.67
C PHE B 390 13.35 9.00 -18.43
N PHE B 391 13.40 7.68 -18.56
CA PHE B 391 12.37 6.92 -19.24
C PHE B 391 11.06 7.06 -18.46
N GLN B 392 11.14 6.88 -17.14
CA GLN B 392 9.99 7.01 -16.25
C GLN B 392 9.41 8.41 -16.32
N ASP B 393 10.26 9.43 -16.33
CA ASP B 393 9.79 10.82 -16.28
C ASP B 393 9.38 11.41 -17.61
N TYR B 394 9.93 10.90 -18.70
CA TYR B 394 9.73 11.55 -19.99
C TYR B 394 9.10 10.65 -21.03
N VAL B 395 9.38 9.35 -20.99
CA VAL B 395 8.79 8.45 -21.95
C VAL B 395 7.45 7.88 -21.50
N GLU B 396 7.39 7.39 -20.26
CA GLU B 396 6.15 6.85 -19.71
C GLU B 396 5.06 7.91 -19.57
N THR B 397 5.46 9.18 -19.50
CA THR B 397 4.50 10.27 -19.40
C THR B 397 4.14 10.80 -20.78
N GLY B 398 4.71 10.21 -21.81
CA GLY B 398 4.43 10.60 -23.18
C GLY B 398 5.09 11.89 -23.64
N LYS B 399 5.98 12.45 -22.83
CA LYS B 399 6.66 13.70 -23.20
CA LYS B 399 6.66 13.70 -23.20
C LYS B 399 7.63 13.50 -24.37
N ALA B 400 8.12 12.28 -24.51
CA ALA B 400 9.09 11.99 -25.55
C ALA B 400 9.00 10.51 -25.88
N THR B 401 9.45 10.13 -27.07
CA THR B 401 9.45 8.73 -27.44
C THR B 401 10.70 8.06 -26.95
N ALA B 402 10.66 6.74 -26.88
CA ALA B 402 11.82 5.96 -26.50
C ALA B 402 12.99 6.21 -27.44
N GLU B 403 12.71 6.38 -28.72
CA GLU B 403 13.76 6.65 -29.70
C GLU B 403 14.38 8.03 -29.51
N GLU B 404 13.56 8.99 -29.12
CA GLU B 404 14.04 10.34 -28.86
C GLU B 404 14.95 10.35 -27.62
N LEU B 405 14.57 9.60 -26.59
CA LEU B 405 15.39 9.49 -25.38
C LEU B 405 16.77 8.93 -25.75
N LEU B 406 16.75 7.81 -26.46
CA LEU B 406 17.95 7.09 -26.84
C LEU B 406 18.92 7.97 -27.61
N THR B 407 18.41 8.61 -28.66
CA THR B 407 19.18 9.56 -29.47
C THR B 407 19.96 10.55 -28.61
N ASN B 408 19.29 11.09 -27.60
CA ASN B 408 19.89 12.13 -26.79
C ASN B 408 20.74 11.62 -25.65
N VAL B 409 20.25 10.61 -24.96
CA VAL B 409 21.00 10.07 -23.83
C VAL B 409 22.24 9.33 -24.33
N ALA B 410 22.28 9.02 -25.63
CA ALA B 410 23.48 8.42 -26.20
C ALA B 410 24.66 9.37 -26.06
N LEU B 411 24.38 10.68 -26.16
CA LEU B 411 25.42 11.69 -26.11
C LEU B 411 25.71 12.22 -24.70
N THR B 412 24.84 11.95 -23.74
CA THR B 412 24.98 12.60 -22.42
C THR B 412 25.14 11.63 -21.27
N SER B 413 24.78 10.38 -21.48
CA SER B 413 24.72 9.42 -20.37
C SER B 413 26.04 9.19 -19.66
N ARG B 414 25.93 8.98 -18.36
CA ARG B 414 27.04 8.68 -17.48
C ARG B 414 27.74 7.40 -17.90
N ASP B 415 27.04 6.54 -18.61
CA ASP B 415 27.57 5.22 -18.91
C ASP B 415 28.66 5.30 -19.97
N ASN B 416 28.73 6.40 -20.71
CA ASN B 416 29.79 6.57 -21.70
C ASN B 416 31.15 6.56 -21.01
N ALA B 417 31.17 6.95 -19.74
CA ALA B 417 32.42 7.11 -19.00
C ALA B 417 32.73 5.89 -18.16
N ARG B 418 31.87 4.89 -18.25
CA ARG B 418 31.90 3.77 -17.31
C ARG B 418 32.22 2.44 -17.98
N THR B 419 32.41 2.46 -19.30
CA THR B 419 32.84 1.25 -19.99
C THR B 419 34.27 0.95 -19.53
N PRO B 420 34.60 -0.35 -19.41
CA PRO B 420 35.88 -0.79 -18.83
C PRO B 420 37.07 -0.10 -19.46
N PHE B 421 38.06 0.22 -18.64
CA PHE B 421 39.32 0.78 -19.10
C PHE B 421 39.95 -0.16 -20.12
N GLN B 422 40.57 0.40 -21.14
CA GLN B 422 41.09 -0.40 -22.25
C GLN B 422 42.61 -0.57 -22.17
N TRP B 423 43.02 -1.71 -21.61
CA TRP B 423 44.43 -1.97 -21.29
C TRP B 423 45.25 -2.46 -22.48
N ASP B 424 44.71 -3.45 -23.19
CA ASP B 424 45.38 -3.99 -24.36
C ASP B 424 44.34 -4.46 -25.36
N ASP B 425 44.70 -5.41 -26.23
CA ASP B 425 43.73 -5.93 -27.18
C ASP B 425 43.44 -7.44 -27.02
N SER B 426 43.68 -7.95 -25.81
CA SER B 426 43.24 -9.30 -25.49
C SER B 426 41.74 -9.27 -25.27
N ALA B 427 41.16 -10.38 -24.84
CA ALA B 427 39.73 -10.42 -24.58
C ALA B 427 39.30 -9.29 -23.65
N ASN B 428 38.25 -8.58 -24.05
CA ASN B 428 37.71 -7.47 -23.26
C ASN B 428 38.79 -6.45 -22.83
N ALA B 429 39.60 -6.04 -23.79
CA ALA B 429 40.67 -5.05 -23.63
C ALA B 429 41.56 -5.27 -22.41
N GLY B 430 41.68 -6.50 -21.95
CA GLY B 430 42.54 -6.81 -20.83
C GLY B 430 41.97 -6.35 -19.50
N PHE B 431 40.70 -5.95 -19.51
CA PHE B 431 40.04 -5.57 -18.27
C PHE B 431 39.68 -6.79 -17.41
N THR B 432 39.21 -7.86 -18.04
CA THR B 432 38.75 -9.02 -17.30
C THR B 432 38.91 -10.30 -18.08
N THR B 433 39.03 -11.42 -17.35
CA THR B 433 39.09 -12.73 -17.99
C THR B 433 37.69 -13.33 -18.06
N GLY B 434 36.71 -12.57 -17.59
CA GLY B 434 35.34 -13.04 -17.56
C GLY B 434 34.45 -12.19 -18.43
N LYS B 435 33.25 -11.92 -17.94
CA LYS B 435 32.29 -11.11 -18.67
C LYS B 435 32.11 -9.80 -17.93
N PRO B 436 32.51 -8.69 -18.57
CA PRO B 436 32.45 -7.35 -17.98
C PRO B 436 31.04 -6.95 -17.60
N TRP B 437 30.90 -6.18 -16.52
CA TRP B 437 29.59 -5.77 -16.03
C TRP B 437 28.93 -4.80 -17.01
N LEU B 438 29.76 -4.08 -17.76
CA LEU B 438 29.30 -3.19 -18.81
C LEU B 438 30.18 -3.48 -20.04
N LYS B 439 29.57 -3.57 -21.23
CA LYS B 439 30.34 -3.93 -22.42
C LYS B 439 31.52 -2.99 -22.71
N VAL B 440 32.62 -3.59 -23.14
CA VAL B 440 33.78 -2.82 -23.59
C VAL B 440 33.53 -2.23 -24.98
N ASN B 441 33.97 -0.99 -25.20
CA ASN B 441 33.86 -0.37 -26.51
C ASN B 441 34.69 -1.18 -27.53
N PRO B 442 34.08 -1.47 -28.70
CA PRO B 442 34.80 -2.23 -29.72
C PRO B 442 36.05 -1.53 -30.21
N ASN B 443 36.13 -0.20 -30.13
CA ASN B 443 37.32 0.50 -30.59
C ASN B 443 38.60 0.24 -29.78
N TYR B 444 38.55 -0.70 -28.84
CA TYR B 444 39.73 -1.03 -28.03
C TYR B 444 40.86 -1.60 -28.87
N THR B 445 40.50 -2.22 -30.00
CA THR B 445 41.46 -2.78 -30.94
C THR B 445 42.43 -1.72 -31.46
N GLU B 446 41.99 -0.46 -31.46
CA GLU B 446 42.83 0.66 -31.84
C GLU B 446 43.23 1.49 -30.62
N ILE B 447 42.36 1.53 -29.61
CA ILE B 447 42.56 2.37 -28.44
C ILE B 447 42.81 1.51 -27.20
N ASN B 448 44.07 1.39 -26.81
CA ASN B 448 44.44 0.64 -25.61
C ASN B 448 45.81 1.07 -25.09
N ALA B 449 46.02 0.91 -23.79
CA ALA B 449 47.24 1.41 -23.15
C ALA B 449 48.51 0.80 -23.72
N ALA B 450 48.53 -0.53 -23.85
CA ALA B 450 49.72 -1.22 -24.32
C ALA B 450 50.13 -0.67 -25.68
N ARG B 451 49.14 -0.43 -26.55
CA ARG B 451 49.39 0.10 -27.89
C ARG B 451 50.01 1.49 -27.85
N GLU B 452 49.53 2.33 -26.94
CA GLU B 452 49.98 3.72 -26.90
C GLU B 452 51.26 3.97 -26.07
N ILE B 453 51.53 3.12 -25.09
CA ILE B 453 52.64 3.35 -24.18
C ILE B 453 54.00 3.31 -24.88
N GLY B 454 54.14 2.40 -25.84
CA GLY B 454 55.38 2.29 -26.58
C GLY B 454 55.55 3.37 -27.62
N ASP B 455 54.49 4.15 -27.83
CA ASP B 455 54.43 5.07 -28.97
C ASP B 455 54.61 6.52 -28.59
N PRO B 456 55.77 7.09 -28.93
CA PRO B 456 56.08 8.49 -28.66
C PRO B 456 55.09 9.48 -29.27
N LYS B 457 54.33 9.08 -30.28
CA LYS B 457 53.36 9.96 -30.92
C LYS B 457 51.92 9.77 -30.41
N SER B 458 51.75 8.93 -29.41
CA SER B 458 50.41 8.56 -28.94
C SER B 458 49.78 9.63 -28.04
N VAL B 459 48.48 9.53 -27.82
CA VAL B 459 47.78 10.39 -26.86
C VAL B 459 48.38 10.23 -25.45
N TYR B 460 48.60 8.98 -25.03
CA TYR B 460 49.23 8.71 -23.74
C TYR B 460 50.54 9.47 -23.58
N SER B 461 51.42 9.38 -24.57
CA SER B 461 52.74 9.99 -24.44
C SER B 461 52.63 11.50 -24.37
N PHE B 462 51.67 12.06 -25.10
CA PHE B 462 51.50 13.50 -25.06
C PHE B 462 51.03 13.98 -23.67
N TYR B 463 50.19 13.19 -23.01
CA TYR B 463 49.68 13.55 -21.69
C TYR B 463 50.85 13.48 -20.72
N ARG B 464 51.59 12.38 -20.79
CA ARG B 464 52.78 12.21 -19.97
C ARG B 464 53.76 13.39 -20.11
N ASN B 465 54.05 13.78 -21.34
CA ASN B 465 54.94 14.91 -21.60
C ASN B 465 54.41 16.22 -21.04
N LEU B 466 53.10 16.43 -21.13
CA LEU B 466 52.48 17.63 -20.60
C LEU B 466 52.55 17.70 -19.07
N ILE B 467 52.21 16.59 -18.43
CA ILE B 467 52.26 16.48 -16.98
C ILE B 467 53.67 16.80 -16.48
N SER B 468 54.69 16.40 -17.26
CA SER B 468 56.09 16.66 -16.91
C SER B 468 56.36 18.15 -16.99
N ILE B 469 55.85 18.76 -18.06
CA ILE B 469 56.07 20.18 -18.31
C ILE B 469 55.38 21.04 -17.25
N ARG B 470 54.13 20.70 -16.94
CA ARG B 470 53.46 21.38 -15.84
C ARG B 470 54.25 21.24 -14.54
N HIS B 471 54.61 20.00 -14.19
CA HIS B 471 55.34 19.70 -12.96
C HIS B 471 56.63 20.53 -12.83
N GLU B 472 57.20 20.92 -13.96
CA GLU B 472 58.47 21.67 -13.97
C GLU B 472 58.27 23.17 -14.23
N THR B 473 57.02 23.61 -14.36
CA THR B 473 56.72 25.01 -14.65
C THR B 473 55.70 25.59 -13.67
N PRO B 474 56.18 26.26 -12.60
CA PRO B 474 55.34 26.84 -11.55
C PRO B 474 54.17 27.68 -12.07
N ALA B 475 54.39 28.47 -13.11
CA ALA B 475 53.33 29.36 -13.59
C ALA B 475 52.15 28.56 -14.16
N LEU B 476 52.40 27.35 -14.61
CA LEU B 476 51.36 26.54 -15.23
C LEU B 476 50.38 25.95 -14.20
N SER B 477 50.77 25.97 -12.93
CA SER B 477 49.80 25.56 -11.90
C SER B 477 49.30 26.77 -11.11
N THR B 478 50.18 27.45 -10.40
CA THR B 478 49.73 28.52 -9.52
C THR B 478 49.77 29.93 -10.14
N GLY B 479 50.19 30.03 -11.39
CA GLY B 479 50.23 31.33 -12.04
C GLY B 479 48.85 31.95 -12.24
N SER B 480 48.84 33.26 -12.50
CA SER B 480 47.61 33.94 -12.84
C SER B 480 47.15 33.45 -14.22
N TYR B 481 45.93 33.81 -14.58
CA TYR B 481 45.35 33.36 -15.85
C TYR B 481 44.69 34.54 -16.51
N ARG B 482 44.89 34.69 -17.81
CA ARG B 482 44.19 35.72 -18.55
C ARG B 482 43.78 35.25 -19.94
N ASP B 483 42.48 35.26 -20.19
CA ASP B 483 41.93 34.96 -21.50
C ASP B 483 42.20 36.13 -22.45
N ILE B 484 42.91 35.87 -23.54
CA ILE B 484 43.27 36.93 -24.48
C ILE B 484 42.07 37.47 -25.25
N ASP B 485 41.06 36.64 -25.47
CA ASP B 485 39.93 37.06 -26.28
C ASP B 485 38.68 36.22 -26.05
N PRO B 486 37.90 36.56 -25.02
CA PRO B 486 36.70 35.80 -24.68
C PRO B 486 35.71 35.67 -25.85
N SER B 487 35.79 36.56 -26.82
CA SER B 487 34.83 36.56 -27.93
C SER B 487 35.18 35.52 -29.01
N ASN B 488 36.46 35.23 -29.15
CA ASN B 488 36.96 34.34 -30.22
C ASN B 488 36.45 32.92 -30.09
N ALA B 489 35.82 32.43 -31.15
CA ALA B 489 35.21 31.11 -31.12
C ALA B 489 35.98 30.09 -31.97
N ASP B 490 37.15 30.47 -32.45
CA ASP B 490 38.01 29.59 -33.23
C ASP B 490 39.25 29.12 -32.45
N VAL B 491 39.98 30.09 -31.90
CA VAL B 491 41.26 29.77 -31.26
C VAL B 491 41.26 30.16 -29.79
N TYR B 492 41.43 29.18 -28.92
CA TYR B 492 41.50 29.42 -27.49
C TYR B 492 42.93 29.85 -27.15
N ALA B 493 43.10 31.08 -26.68
CA ALA B 493 44.43 31.58 -26.35
C ALA B 493 44.50 32.26 -24.99
N TYR B 494 45.46 31.87 -24.17
CA TYR B 494 45.57 32.46 -22.83
C TYR B 494 46.97 32.46 -22.27
N THR B 495 47.20 33.35 -21.31
CA THR B 495 48.48 33.39 -20.63
C THR B 495 48.40 32.86 -19.20
N ARG B 496 49.52 32.30 -18.74
CA ARG B 496 49.75 32.02 -17.32
C ARG B 496 51.01 32.78 -16.94
N SER B 497 51.06 33.33 -15.72
CA SER B 497 52.24 34.10 -15.30
C SER B 497 52.59 33.90 -13.83
N GLN B 498 53.87 33.81 -13.53
CA GLN B 498 54.28 33.84 -12.13
C GLN B 498 55.71 34.34 -11.97
N ASP B 499 55.89 35.30 -11.07
CA ASP B 499 57.22 35.81 -10.77
C ASP B 499 57.97 36.22 -12.04
N GLY B 500 57.34 37.02 -12.87
CA GLY B 500 57.99 37.54 -14.06
C GLY B 500 57.91 36.67 -15.31
N GLU B 501 57.65 35.38 -15.15
CA GLU B 501 57.64 34.47 -16.30
C GLU B 501 56.24 34.29 -16.85
N THR B 502 56.06 34.62 -18.12
CA THR B 502 54.75 34.50 -18.76
C THR B 502 54.76 33.40 -19.81
N TYR B 503 53.77 32.50 -19.73
CA TYR B 503 53.60 31.46 -20.73
C TYR B 503 52.34 31.67 -21.54
N LEU B 504 52.37 31.23 -22.79
CA LEU B 504 51.25 31.41 -23.70
C LEU B 504 50.71 30.06 -24.16
N VAL B 505 49.41 29.85 -23.99
CA VAL B 505 48.78 28.64 -24.48
C VAL B 505 47.91 29.00 -25.68
N VAL B 506 48.09 28.31 -26.79
CA VAL B 506 47.27 28.53 -27.99
C VAL B 506 46.70 27.21 -28.52
N VAL B 507 45.39 27.17 -28.68
CA VAL B 507 44.71 25.92 -29.03
C VAL B 507 43.63 26.09 -30.09
N ASN B 508 43.80 25.40 -31.21
CA ASN B 508 42.85 25.50 -32.30
C ASN B 508 41.70 24.53 -32.14
N PHE B 509 40.49 25.04 -31.90
CA PHE B 509 39.33 24.15 -31.76
C PHE B 509 38.64 23.82 -33.09
N LYS B 510 39.16 24.33 -34.20
CA LYS B 510 38.53 24.04 -35.50
C LYS B 510 39.32 23.00 -36.28
N ALA B 511 38.63 22.19 -37.09
CA ALA B 511 39.29 21.18 -37.90
C ALA B 511 39.79 21.79 -39.22
N GLU B 512 40.12 23.08 -39.17
CA GLU B 512 40.57 23.84 -40.31
C GLU B 512 41.74 24.74 -39.89
N PRO B 513 42.59 25.12 -40.84
CA PRO B 513 43.70 26.02 -40.52
C PRO B 513 43.21 27.38 -40.03
N ARG B 514 43.87 27.89 -39.01
CA ARG B 514 43.58 29.22 -38.46
C ARG B 514 44.90 29.84 -38.08
N SER B 515 44.91 31.16 -37.94
CA SER B 515 46.13 31.85 -37.52
C SER B 515 45.85 32.70 -36.29
N PHE B 516 46.83 32.73 -35.38
CA PHE B 516 46.68 33.51 -34.16
C PHE B 516 47.71 34.65 -34.09
N THR B 517 47.22 35.86 -33.81
CA THR B 517 48.09 37.03 -33.70
C THR B 517 48.31 37.43 -32.24
N LEU B 518 49.56 37.36 -31.79
CA LEU B 518 49.91 37.67 -30.41
C LEU B 518 49.60 39.12 -30.05
N PRO B 519 49.16 39.35 -28.80
CA PRO B 519 48.90 40.68 -28.25
C PRO B 519 50.05 41.66 -28.53
N ASP B 520 49.72 42.95 -28.59
CA ASP B 520 50.71 43.97 -28.89
C ASP B 520 51.82 43.94 -27.85
N GLY B 521 53.05 43.71 -28.32
CA GLY B 521 54.21 43.74 -27.44
C GLY B 521 54.74 42.36 -27.11
N MET B 522 53.95 41.34 -27.41
CA MET B 522 54.29 39.98 -27.00
C MET B 522 54.95 39.18 -28.13
N HIS B 523 56.03 38.49 -27.80
CA HIS B 523 56.78 37.71 -28.79
C HIS B 523 57.18 36.34 -28.24
N ILE B 524 57.23 35.34 -29.12
CA ILE B 524 57.59 33.98 -28.72
C ILE B 524 59.05 33.91 -28.30
N ALA B 525 59.32 33.27 -27.17
CA ALA B 525 60.70 33.10 -26.70
C ALA B 525 61.20 31.67 -26.93
N GLU B 526 60.40 30.71 -26.48
CA GLU B 526 60.72 29.30 -26.70
C GLU B 526 59.43 28.53 -26.97
N THR B 527 59.56 27.34 -27.52
CA THR B 527 58.42 26.48 -27.68
C THR B 527 58.58 25.31 -26.75
N LEU B 528 57.68 25.19 -25.79
CA LEU B 528 57.73 24.08 -24.84
C LEU B 528 57.25 22.76 -25.45
N ILE B 529 56.12 22.81 -26.17
CA ILE B 529 55.55 21.62 -26.77
C ILE B 529 54.42 21.99 -27.73
N GLU B 530 54.22 21.18 -28.76
CA GLU B 530 53.03 21.30 -29.62
C GLU B 530 52.43 19.95 -29.99
N SER B 531 51.16 19.94 -30.36
CA SER B 531 50.55 18.76 -30.96
C SER B 531 50.04 19.11 -32.34
N SER B 532 50.07 18.14 -33.25
CA SER B 532 49.63 18.33 -34.64
C SER B 532 50.27 19.53 -35.36
N SER B 533 51.54 19.82 -35.05
CA SER B 533 52.26 20.93 -35.68
C SER B 533 53.44 20.45 -36.52
N PRO B 534 53.62 21.02 -37.71
CA PRO B 534 54.76 20.59 -38.52
C PRO B 534 56.04 21.32 -38.13
N ALA B 535 55.91 22.52 -37.56
CA ALA B 535 57.11 23.28 -37.18
C ALA B 535 56.80 24.31 -36.11
N ALA B 536 57.65 24.37 -35.10
CA ALA B 536 57.51 25.37 -34.06
C ALA B 536 57.73 26.75 -34.67
N PRO B 537 57.16 27.79 -34.03
CA PRO B 537 57.39 29.15 -34.52
C PRO B 537 58.85 29.57 -34.29
N ALA B 538 59.27 30.65 -34.92
CA ALA B 538 60.65 31.13 -34.74
C ALA B 538 60.76 32.07 -33.56
N ALA B 539 61.92 32.04 -32.90
CA ALA B 539 62.20 32.96 -31.81
C ALA B 539 61.95 34.38 -32.27
N GLY B 540 61.04 35.07 -31.58
CA GLY B 540 60.69 36.43 -31.93
C GLY B 540 59.36 36.60 -32.65
N ALA B 541 58.70 35.50 -33.02
CA ALA B 541 57.47 35.59 -33.81
C ALA B 541 56.34 36.39 -33.13
N ALA B 542 55.49 37.00 -33.94
CA ALA B 542 54.40 37.81 -33.44
C ALA B 542 53.06 37.23 -33.83
N SER B 543 53.10 36.04 -34.43
CA SER B 543 51.89 35.36 -34.85
C SER B 543 52.14 33.87 -35.00
N LEU B 544 51.07 33.09 -35.00
CA LEU B 544 51.20 31.66 -35.17
C LEU B 544 50.32 31.23 -36.33
N GLU B 545 50.78 30.22 -37.05
CA GLU B 545 49.97 29.60 -38.07
C GLU B 545 49.57 28.22 -37.56
N LEU B 546 48.28 27.96 -37.48
CA LEU B 546 47.82 26.74 -36.82
C LEU B 546 47.23 25.71 -37.77
N GLN B 547 47.64 24.47 -37.60
CA GLN B 547 47.03 23.34 -38.27
C GLN B 547 45.70 23.02 -37.57
N PRO B 548 44.83 22.22 -38.22
CA PRO B 548 43.59 21.80 -37.54
C PRO B 548 43.87 21.14 -36.19
N TRP B 549 43.20 21.62 -35.14
CA TRP B 549 43.33 21.06 -33.79
C TRP B 549 44.74 21.14 -33.20
N GLN B 550 45.56 22.02 -33.77
CA GLN B 550 46.90 22.24 -33.23
C GLN B 550 46.82 22.86 -31.85
N SER B 551 47.67 22.38 -30.94
CA SER B 551 47.82 22.99 -29.62
C SER B 551 49.31 23.20 -29.34
N GLY B 552 49.62 24.16 -28.47
CA GLY B 552 50.99 24.37 -28.04
C GLY B 552 51.16 25.24 -26.80
N ILE B 553 52.33 25.12 -26.16
CA ILE B 553 52.67 25.98 -25.03
C ILE B 553 53.99 26.69 -25.28
N TYR B 554 53.98 28.02 -25.17
CA TYR B 554 55.16 28.82 -25.47
C TYR B 554 55.53 29.78 -24.33
N LYS B 555 56.82 29.94 -24.11
CA LYS B 555 57.30 30.95 -23.19
C LYS B 555 57.46 32.22 -24.01
N VAL B 556 56.93 33.32 -23.50
CA VAL B 556 56.98 34.57 -24.24
C VAL B 556 57.92 35.57 -23.59
N LYS B 557 58.44 36.48 -24.41
CA LYS B 557 59.28 37.57 -23.96
C LYS B 557 58.49 38.87 -24.11
CA CA C . -38.72 7.21 5.56
O1 TEU D . -26.63 -13.52 8.66
C1' TEU D . -25.83 -14.61 9.04
C2' TEU D . -25.25 -15.44 7.90
O2' TEU D . -24.04 -15.62 7.76
C3' TEU D . -26.14 -16.03 6.85
O3' TEU D . -27.46 -15.77 7.20
C4' TEU D . -25.71 -15.40 5.53
O4' TEU D . -25.74 -14.04 5.65
C5' TEU D . -26.54 -15.78 4.35
O5' TEU D . -27.75 -15.13 4.45
C6' TEU D . -26.81 -17.25 4.31
O6' TEU D . -26.94 -17.84 3.06
C1 TEU D . -26.56 -12.30 9.36
C2 TEU D . -27.75 -11.35 9.12
O2 TEU D . -28.97 -11.83 9.64
C3 TEU D . -27.76 -10.94 7.66
O3 TEU D . -29.04 -10.21 7.25
C4 TEU D . -26.53 -10.22 7.31
O4 TEU D . -26.42 -10.02 5.91
C5 TEU D . -25.26 -10.91 7.77
O5 TEU D . -25.35 -11.63 9.11
C6 TEU D . -24.14 -9.93 7.77
O6 TEU D . -24.02 -9.14 8.90
CA CA E . 36.70 -8.45 -9.63
O1 TEU F . 26.70 13.41 -6.83
C1' TEU F . 25.71 14.28 -7.25
C2' TEU F . 25.66 14.26 -8.74
O2' TEU F . 26.69 14.08 -9.37
C3' TEU F . 24.37 14.37 -9.49
O3' TEU F . 23.69 15.53 -9.13
C4' TEU F . 24.79 14.31 -10.94
O4' TEU F . 25.42 15.48 -11.31
C5' TEU F . 23.65 13.92 -11.81
O5' TEU F . 22.46 14.26 -11.22
C6' TEU F . 23.65 12.43 -11.94
O6' TEU F . 24.82 11.77 -11.62
C1 TEU F . 26.41 12.01 -6.87
C2 TEU F . 27.45 11.16 -7.65
O2 TEU F . 28.51 11.85 -8.30
C3 TEU F . 26.70 10.22 -8.55
O3 TEU F . 27.67 9.32 -9.31
C4 TEU F . 25.62 9.51 -7.86
O4 TEU F . 24.77 8.90 -8.82
C5 TEU F . 24.69 10.39 -7.09
O5 TEU F . 25.08 11.83 -7.21
C6 TEU F . 24.43 9.95 -5.67
O6 TEU F . 25.42 10.03 -4.70
#